data_6LBB
#
_entry.id   6LBB
#
_cell.length_a   100.565
_cell.length_b   100.565
_cell.length_c   182.306
_cell.angle_alpha   90.000
_cell.angle_beta   90.000
_cell.angle_gamma   90.000
#
_symmetry.space_group_name_H-M   'P 43 21 2'
#
loop_
_entity.id
_entity.type
_entity.pdbx_description
1 polymer 'Beta-D-glucan exohydrolase isoenzyme ExoI'
2 branched beta-D-glucopyranose-(1-4)-4-thio-beta-D-glucopyranose-(1-4)-1-thio-beta-D-glucopyranose
3 non-polymer 2-acetamido-2-deoxy-beta-D-glucopyranose
4 non-polymer GLYCEROL
5 non-polymer 'SULFATE ION'
6 non-polymer 'PENTAETHYLENE GLYCOL'
7 non-polymer 'ACETATE ION'
8 water water
#
_entity_poly.entity_id   1
_entity_poly.type   'polypeptide(L)'
_entity_poly.pdbx_seq_one_letter_code
;HHAADYVLYKDATKPVEDRVADLLGRMTLAEKIGQMTQIERLVATPDVLRDNFIGSLLSGGGSVPRKGATAKEWQDMVDG
FQKACMSTRLGIPMIYGIDAVHGQNNVYGATIFPHNVGLGATRDPYLVKRIGEATALEVRATGIQYAFAPCIAVCRDPRW
GRCYESYSEDRRIVQSMTELIPGLQGDVPKDFTSGMPFVAGKNKVAACAKHFVGDGGTVDGINENNTIINREGLMNIHMP
AYKNAMDKGVSTVMISYSSWNGVKMHANQDLVTGYLKDTLKFKGFVISDWEGIDRITTPAGSDYSYSVKASILAGLDMIM
VPNKYQQFISILTGHVNGGVIPMSRIDDAVTRILRVKFTMGLFENPYADPAMAEQLGKQEHRDLAREAARKSLVLLKNGK
TSTDAPLLPLPKKAPKILVAGSHADNLGYQCGGWTIEAQGDTGRTTVGTTILEAVKAAVDPSTVVVFAENPDAEFVKSGG
FSYAIVAVGEHPYTETKGDNLNLTIPEPGLSTVQAVCGGVRCATVLISGRPVVVQPLLAASDALVAAWLPGSEGQGVTDA
LFGDFGFTGRLPRTWFKSVDQLPMNVGDAHYDPLFRLGYGLTTNATKKY
;
_entity_poly.pdbx_strand_id   A
#
loop_
_chem_comp.id
_chem_comp.type
_chem_comp.name
_chem_comp.formula
1PE non-polymer 'PENTAETHYLENE GLYCOL' 'C10 H22 O6'
ACT non-polymer 'ACETATE ION' 'C2 H3 O2 -1'
BGC D-saccharide, beta linking beta-D-glucopyranose 'C6 H12 O6'
GOL non-polymer GLYCEROL 'C3 H8 O3'
GS1 D-saccharide, beta linking 1-thio-beta-D-glucopyranose 'C6 H12 O5 S'
NAG D-saccharide, beta linking 2-acetamido-2-deoxy-beta-D-glucopyranose 'C8 H15 N O6'
SGC D-saccharide, beta linking 4-thio-beta-D-glucopyranose 'C6 H12 O5 S'
SO4 non-polymer 'SULFATE ION' 'O4 S -2'
#
# COMPACT_ATOMS: atom_id res chain seq x y z
N HIS A 1 -26.19 -34.67 -1.46
CA HIS A 1 -26.07 -34.65 -2.96
C HIS A 1 -24.86 -35.57 -3.40
N HIS A 2 -24.34 -36.78 -2.85
CA HIS A 2 -24.43 -38.02 -3.65
C HIS A 2 -23.68 -39.28 -3.13
N ALA A 3 -22.35 -39.28 -2.95
CA ALA A 3 -21.67 -40.44 -2.29
C ALA A 3 -22.10 -40.62 -0.79
N ALA A 4 -22.00 -41.83 -0.21
CA ALA A 4 -22.40 -42.03 1.23
C ALA A 4 -21.59 -41.19 2.25
N ASP A 5 -20.35 -40.91 1.94
CA ASP A 5 -19.53 -40.06 2.83
C ASP A 5 -19.63 -38.48 2.49
N TYR A 6 -20.68 -38.07 1.76
CA TYR A 6 -20.88 -36.66 1.38
C TYR A 6 -20.86 -35.71 2.60
N VAL A 7 -20.18 -34.57 2.45
CA VAL A 7 -20.14 -33.48 3.41
C VAL A 7 -20.49 -32.20 2.66
N LEU A 8 -21.63 -31.59 2.94
CA LEU A 8 -22.17 -30.46 2.20
C LEU A 8 -21.11 -29.31 2.05
N TYR A 9 -20.40 -28.98 3.11
CA TYR A 9 -19.43 -27.84 2.97
C TYR A 9 -18.32 -28.11 1.99
N LYS A 10 -18.01 -29.38 1.70
CA LYS A 10 -17.01 -29.69 0.70
C LYS A 10 -17.49 -29.74 -0.73
N ASP A 11 -18.78 -29.48 -0.93
CA ASP A 11 -19.42 -29.57 -2.29
C ASP A 11 -19.38 -28.17 -2.94
N ALA A 12 -18.52 -28.02 -3.92
CA ALA A 12 -18.33 -26.76 -4.63
C ALA A 12 -19.54 -26.23 -5.39
N THR A 13 -20.56 -27.07 -5.60
CA THR A 13 -21.81 -26.66 -6.28
C THR A 13 -22.80 -25.99 -5.36
N LYS A 14 -22.56 -26.04 -4.06
CA LYS A 14 -23.56 -25.53 -3.11
C LYS A 14 -23.37 -24.02 -2.90
N PRO A 15 -24.45 -23.30 -2.56
CA PRO A 15 -24.33 -21.88 -2.23
C PRO A 15 -23.41 -21.61 -1.07
N VAL A 16 -22.68 -20.47 -1.16
CA VAL A 16 -21.70 -20.15 -0.10
C VAL A 16 -22.33 -20.13 1.23
N GLU A 17 -23.49 -19.44 1.41
CA GLU A 17 -24.08 -19.38 2.74
C GLU A 17 -24.41 -20.78 3.33
N ASP A 18 -24.88 -21.69 2.47
CA ASP A 18 -25.16 -23.05 2.94
C ASP A 18 -23.89 -23.79 3.37
N ARG A 19 -22.80 -23.60 2.60
CA ARG A 19 -21.50 -24.14 2.98
C ARG A 19 -20.97 -23.59 4.32
N VAL A 20 -21.06 -22.26 4.50
CA VAL A 20 -20.68 -21.60 5.75
C VAL A 20 -21.44 -22.22 6.92
N ALA A 21 -22.76 -22.31 6.76
CA ALA A 21 -23.59 -22.80 7.87
C ALA A 21 -23.32 -24.28 8.15
N ASP A 22 -23.14 -25.08 7.12
CA ASP A 22 -22.84 -26.48 7.28
C ASP A 22 -21.55 -26.70 8.03
N LEU A 23 -20.54 -25.92 7.72
CA LEU A 23 -19.21 -26.12 8.33
C LEU A 23 -19.24 -25.59 9.74
N LEU A 24 -19.83 -24.41 9.92
CA LEU A 24 -19.85 -23.73 11.24
C LEU A 24 -20.47 -24.70 12.31
N GLY A 25 -21.55 -25.35 11.90
CA GLY A 25 -22.34 -26.23 12.80
C GLY A 25 -21.63 -27.51 13.18
N ARG A 26 -20.49 -27.83 12.54
CA ARG A 26 -19.65 -28.95 12.88
C ARG A 26 -18.47 -28.62 13.74
N MET A 27 -18.17 -27.32 13.91
CA MET A 27 -16.90 -26.88 14.53
C MET A 27 -16.90 -26.88 16.06
N THR A 28 -15.85 -27.33 16.63
CA THR A 28 -15.59 -27.09 18.07
C THR A 28 -15.21 -25.68 18.35
N LEU A 29 -15.25 -25.32 19.63
CA LEU A 29 -14.77 -24.02 20.04
C LEU A 29 -13.31 -23.78 19.63
N ALA A 30 -12.45 -24.76 19.80
CA ALA A 30 -11.05 -24.63 19.44
C ALA A 30 -10.87 -24.38 17.91
N GLU A 31 -11.73 -25.05 17.12
CA GLU A 31 -11.74 -24.87 15.66
C GLU A 31 -12.18 -23.50 15.31
N LYS A 32 -13.19 -23.01 15.98
CA LYS A 32 -13.70 -21.67 15.75
C LYS A 32 -12.66 -20.60 16.07
N ILE A 33 -12.13 -20.63 17.26
CA ILE A 33 -11.11 -19.66 17.66
C ILE A 33 -9.82 -19.72 16.84
N GLY A 34 -9.47 -20.91 16.37
CA GLY A 34 -8.39 -21.08 15.43
C GLY A 34 -8.62 -20.25 14.17
N GLN A 35 -9.81 -20.32 13.58
CA GLN A 35 -10.09 -19.50 12.42
C GLN A 35 -9.88 -18.05 12.62
N MET A 36 -10.17 -17.55 13.82
CA MET A 36 -10.01 -16.16 14.15
C MET A 36 -8.56 -15.76 14.43
N THR A 37 -7.60 -16.69 14.33
CA THR A 37 -6.23 -16.44 14.67
C THR A 37 -5.33 -16.38 13.42
N GLN A 38 -4.66 -15.24 13.22
CA GLN A 38 -3.66 -15.08 12.16
C GLN A 38 -2.28 -14.95 12.73
N ILE A 39 -1.37 -15.79 12.27
CA ILE A 39 -0.03 -15.82 12.81
C ILE A 39 1.06 -15.53 11.75
N GLU A 40 2.17 -15.01 12.20
CA GLU A 40 3.38 -14.81 11.32
C GLU A 40 3.91 -16.13 10.86
N ARG A 41 4.34 -16.18 9.60
CA ARG A 41 5.06 -17.38 9.11
C ARG A 41 6.22 -17.65 10.03
N LEU A 42 6.83 -16.64 10.60
CA LEU A 42 7.98 -16.85 11.48
C LEU A 42 7.72 -17.73 12.68
N VAL A 43 6.48 -17.82 13.15
CA VAL A 43 6.17 -18.73 14.30
C VAL A 43 5.40 -19.95 13.89
N ALA A 44 5.17 -20.11 12.57
CA ALA A 44 4.36 -21.21 12.04
C ALA A 44 5.18 -22.48 11.83
N THR A 45 4.61 -23.63 12.20
CA THR A 45 5.21 -24.91 11.84
C THR A 45 4.00 -25.78 11.50
N PRO A 46 4.21 -26.94 10.86
CA PRO A 46 3.08 -27.82 10.59
C PRO A 46 2.28 -28.20 11.83
N ASP A 47 2.95 -28.56 12.96
CA ASP A 47 2.23 -28.91 14.15
C ASP A 47 1.47 -27.75 14.78
N VAL A 48 2.04 -26.53 14.75
CA VAL A 48 1.37 -25.41 15.32
C VAL A 48 0.07 -25.13 14.55
N LEU A 49 0.20 -25.20 13.21
CA LEU A 49 -0.96 -24.89 12.35
C LEU A 49 -2.08 -25.93 12.56
N ARG A 50 -1.72 -27.22 12.68
CA ARG A 50 -2.75 -28.31 12.91
C ARG A 50 -3.33 -28.26 14.29
N ASP A 51 -2.45 -28.15 15.28
CA ASP A 51 -2.85 -28.28 16.67
C ASP A 51 -3.66 -27.17 17.16
N ASN A 52 -3.45 -25.94 16.63
CA ASN A 52 -4.23 -24.77 16.98
C ASN A 52 -5.29 -24.40 15.92
N PHE A 53 -5.49 -25.23 14.93
CA PHE A 53 -6.55 -25.06 13.93
C PHE A 53 -6.46 -23.62 13.32
N ILE A 54 -5.26 -23.16 13.01
CA ILE A 54 -4.99 -21.78 12.60
C ILE A 54 -5.67 -21.43 11.29
N GLY A 55 -6.24 -20.23 11.26
CA GLY A 55 -7.08 -19.73 10.17
C GLY A 55 -6.31 -18.98 9.12
N SER A 56 -5.20 -18.38 9.50
CA SER A 56 -4.53 -17.49 8.59
C SER A 56 -3.07 -17.30 8.98
N LEU A 57 -2.25 -17.08 7.96
CA LEU A 57 -0.86 -16.64 8.13
C LEU A 57 -0.64 -15.33 7.40
N LEU A 58 0.43 -14.65 7.84
CA LEU A 58 0.91 -13.47 7.10
C LEU A 58 2.42 -13.43 7.08
N SER A 59 2.91 -12.69 6.08
CA SER A 59 4.25 -12.12 6.10
C SER A 59 4.10 -10.66 6.44
N GLY A 60 4.69 -10.26 7.59
CA GLY A 60 4.94 -8.83 7.84
C GLY A 60 6.04 -8.33 6.90
N GLY A 61 6.20 -7.00 6.89
CA GLY A 61 7.27 -6.45 6.10
C GLY A 61 8.59 -7.14 6.28
N GLY A 62 9.17 -7.57 5.15
CA GLY A 62 10.47 -8.28 5.08
C GLY A 62 10.48 -9.68 5.63
N SER A 63 9.27 -10.25 5.88
CA SER A 63 9.19 -11.65 6.35
C SER A 63 9.07 -12.57 5.10
N VAL A 64 10.19 -13.12 4.73
CA VAL A 64 10.43 -13.82 3.45
C VAL A 64 11.14 -15.16 3.69
N PRO A 65 10.91 -16.14 2.80
CA PRO A 65 11.58 -17.42 2.98
C PRO A 65 13.07 -17.31 2.98
N ARG A 66 13.55 -16.44 2.14
CA ARG A 66 14.92 -15.96 2.24
C ARG A 66 15.13 -14.81 1.27
N LYS A 67 16.23 -14.08 1.43
CA LYS A 67 16.41 -12.94 0.51
C LYS A 67 16.64 -13.54 -0.87
N GLY A 68 16.11 -12.84 -1.85
CA GLY A 68 16.30 -13.31 -3.25
C GLY A 68 15.45 -14.46 -3.65
N ALA A 69 14.50 -14.89 -2.82
CA ALA A 69 13.72 -16.12 -3.10
C ALA A 69 12.93 -15.96 -4.44
N THR A 70 12.86 -17.02 -5.18
CA THR A 70 12.11 -17.11 -6.42
C THR A 70 10.61 -17.19 -6.10
N ALA A 71 9.80 -16.97 -7.15
CA ALA A 71 8.39 -17.17 -7.03
C ALA A 71 8.08 -18.58 -6.57
N LYS A 72 8.75 -19.58 -7.13
CA LYS A 72 8.46 -20.96 -6.70
C LYS A 72 8.84 -21.23 -5.26
N GLU A 73 9.92 -20.62 -4.76
CA GLU A 73 10.25 -20.73 -3.31
C GLU A 73 9.08 -20.24 -2.45
N TRP A 74 8.45 -19.15 -2.85
CA TRP A 74 7.32 -18.61 -2.12
C TRP A 74 6.16 -19.59 -2.22
N GLN A 75 5.88 -20.10 -3.41
CA GLN A 75 4.75 -21.04 -3.57
C GLN A 75 4.94 -22.27 -2.71
N ASP A 76 6.16 -22.78 -2.68
CA ASP A 76 6.45 -23.97 -1.90
C ASP A 76 6.30 -23.73 -0.37
N MET A 77 6.70 -22.55 0.09
CA MET A 77 6.47 -22.19 1.47
C MET A 77 5.01 -22.11 1.85
N VAL A 78 4.21 -21.43 1.04
CA VAL A 78 2.79 -21.25 1.32
C VAL A 78 2.09 -22.62 1.23
N ASP A 79 2.42 -23.41 0.22
CA ASP A 79 1.79 -24.72 0.09
C ASP A 79 2.20 -25.67 1.25
N GLY A 80 3.41 -25.58 1.76
CA GLY A 80 3.82 -26.35 2.99
C GLY A 80 2.91 -26.03 4.18
N PHE A 81 2.66 -24.75 4.44
CA PHE A 81 1.72 -24.33 5.46
C PHE A 81 0.27 -24.82 5.17
N GLN A 82 -0.15 -24.69 3.90
CA GLN A 82 -1.48 -25.12 3.50
C GLN A 82 -1.67 -26.63 3.72
N LYS A 83 -0.65 -27.43 3.41
CA LYS A 83 -0.77 -28.88 3.57
C LYS A 83 -1.04 -29.26 5.02
N ALA A 84 -0.40 -28.55 5.96
CA ALA A 84 -0.65 -28.73 7.35
C ALA A 84 -2.10 -28.39 7.72
N CYS A 85 -2.63 -27.23 7.27
CA CYS A 85 -3.97 -26.83 7.57
C CYS A 85 -4.99 -27.80 6.93
N MET A 86 -4.73 -28.29 5.72
CA MET A 86 -5.64 -29.19 5.08
C MET A 86 -5.68 -30.56 5.78
N SER A 87 -4.69 -30.86 6.59
CA SER A 87 -4.60 -32.16 7.26
C SER A 87 -5.44 -32.14 8.57
N THR A 88 -6.01 -31.02 8.97
CA THR A 88 -6.84 -30.99 10.16
C THR A 88 -8.14 -31.82 9.93
N ARG A 89 -8.80 -32.11 11.04
CA ARG A 89 -10.06 -32.85 10.98
C ARG A 89 -11.07 -32.31 9.94
N LEU A 90 -11.27 -30.99 9.91
CA LEU A 90 -12.22 -30.40 8.97
C LEU A 90 -11.55 -29.91 7.64
N GLY A 91 -10.25 -29.79 7.64
CA GLY A 91 -9.54 -29.46 6.40
C GLY A 91 -9.88 -28.06 5.90
N ILE A 92 -9.89 -27.12 6.81
CA ILE A 92 -10.19 -25.74 6.45
C ILE A 92 -8.87 -25.08 5.94
N PRO A 93 -8.84 -24.62 4.69
CA PRO A 93 -7.61 -24.00 4.22
C PRO A 93 -7.37 -22.67 4.90
N MET A 94 -6.08 -22.38 5.14
CA MET A 94 -5.69 -21.08 5.57
C MET A 94 -5.63 -20.07 4.42
N ILE A 95 -5.81 -18.81 4.77
CA ILE A 95 -5.62 -17.68 3.86
C ILE A 95 -4.33 -17.01 4.27
N TYR A 96 -3.48 -16.70 3.29
CA TYR A 96 -2.17 -16.10 3.53
C TYR A 96 -2.19 -14.65 3.07
N GLY A 97 -1.86 -13.72 3.98
CA GLY A 97 -1.89 -12.28 3.66
C GLY A 97 -0.50 -11.66 3.60
N ILE A 98 -0.41 -10.56 2.85
CA ILE A 98 0.84 -9.85 2.72
C ILE A 98 0.54 -8.38 2.32
N ASP A 99 1.47 -7.47 2.63
CA ASP A 99 1.38 -6.06 2.17
C ASP A 99 1.90 -5.97 0.71
N ALA A 100 1.00 -6.21 -0.22
CA ALA A 100 1.28 -6.00 -1.67
C ALA A 100 0.53 -4.66 -1.89
N VAL A 101 1.24 -3.57 -1.59
CA VAL A 101 0.70 -2.20 -1.58
C VAL A 101 1.19 -1.31 -2.76
N HIS A 102 2.22 -1.73 -3.51
CA HIS A 102 2.61 -1.08 -4.75
C HIS A 102 3.29 -2.12 -5.60
N GLY A 103 2.50 -3.14 -6.00
CA GLY A 103 3.02 -4.41 -6.51
C GLY A 103 3.20 -5.39 -5.33
N GLN A 104 3.79 -6.54 -5.63
CA GLN A 104 4.01 -7.58 -4.62
C GLN A 104 5.39 -7.29 -4.00
N ASN A 105 5.41 -6.20 -3.25
CA ASN A 105 6.63 -5.47 -2.96
C ASN A 105 7.65 -6.05 -1.95
N ASN A 106 7.31 -7.13 -1.20
CA ASN A 106 8.29 -7.82 -0.37
C ASN A 106 9.15 -8.77 -1.19
N VAL A 107 8.74 -9.00 -2.44
CA VAL A 107 9.31 -10.10 -3.22
C VAL A 107 10.36 -9.58 -4.17
N TYR A 108 11.51 -10.23 -4.17
CA TYR A 108 12.57 -9.90 -5.13
C TYR A 108 12.16 -10.08 -6.56
N GLY A 109 12.38 -9.09 -7.45
CA GLY A 109 11.93 -9.26 -8.83
C GLY A 109 10.47 -8.95 -9.12
N ALA A 110 9.68 -8.59 -8.12
CA ALA A 110 8.29 -8.14 -8.38
C ALA A 110 8.34 -6.74 -8.96
N THR A 111 7.44 -6.50 -9.88
CA THR A 111 7.25 -5.12 -10.40
C THR A 111 6.83 -4.22 -9.24
N ILE A 112 7.49 -3.06 -9.15
CA ILE A 112 7.18 -2.07 -8.09
C ILE A 112 6.54 -0.85 -8.73
N PHE A 113 5.25 -0.67 -8.40
CA PHE A 113 4.45 0.45 -8.95
C PHE A 113 4.71 1.73 -8.15
N PRO A 114 4.38 2.92 -8.72
CA PRO A 114 4.39 4.14 -7.89
C PRO A 114 3.56 3.95 -6.61
N HIS A 115 4.00 4.59 -5.51
CA HIS A 115 3.15 4.67 -4.35
C HIS A 115 1.88 5.51 -4.57
N ASN A 116 0.93 5.31 -3.68
CA ASN A 116 -0.40 5.93 -3.80
C ASN A 116 -0.42 7.42 -4.03
N VAL A 117 0.40 8.20 -3.37
CA VAL A 117 0.35 9.63 -3.63
C VAL A 117 0.58 10.02 -5.08
N GLY A 118 1.55 9.38 -5.74
CA GLY A 118 1.71 9.53 -7.16
C GLY A 118 0.61 9.04 -8.01
N LEU A 119 0.03 7.93 -7.63
CA LEU A 119 -1.20 7.47 -8.31
C LEU A 119 -2.32 8.50 -8.20
N GLY A 120 -2.47 9.15 -7.06
CA GLY A 120 -3.43 10.22 -7.01
C GLY A 120 -3.16 11.33 -7.97
N ALA A 121 -1.91 11.63 -8.23
CA ALA A 121 -1.56 12.67 -9.22
C ALA A 121 -2.00 12.39 -10.67
N THR A 122 -2.22 11.10 -11.01
CA THR A 122 -2.65 10.66 -12.33
C THR A 122 -4.12 10.99 -12.60
N ARG A 123 -4.92 11.14 -11.54
CA ARG A 123 -6.38 11.21 -11.62
C ARG A 123 -6.95 10.17 -12.62
N ASP A 124 -6.37 8.95 -12.63
CA ASP A 124 -6.69 7.91 -13.62
C ASP A 124 -7.11 6.65 -12.90
N PRO A 125 -8.38 6.56 -12.48
CA PRO A 125 -8.85 5.37 -11.77
C PRO A 125 -8.72 4.09 -12.58
N TYR A 126 -8.80 4.16 -13.89
CA TYR A 126 -8.67 2.94 -14.70
C TYR A 126 -7.23 2.38 -14.73
N LEU A 127 -6.26 3.29 -14.71
CA LEU A 127 -4.88 2.92 -14.58
C LEU A 127 -4.75 2.18 -13.25
N VAL A 128 -5.30 2.70 -12.16
CA VAL A 128 -5.18 2.10 -10.86
C VAL A 128 -5.86 0.71 -10.84
N LYS A 129 -7.01 0.60 -11.51
CA LYS A 129 -7.62 -0.74 -11.66
C LYS A 129 -6.67 -1.73 -12.30
N ARG A 130 -6.03 -1.35 -13.40
CA ARG A 130 -5.08 -2.19 -14.15
C ARG A 130 -3.86 -2.52 -13.29
N ILE A 131 -3.44 -1.57 -12.46
CA ILE A 131 -2.41 -1.90 -11.45
C ILE A 131 -2.90 -2.96 -10.49
N GLY A 132 -4.14 -2.88 -9.99
CA GLY A 132 -4.70 -3.91 -9.09
C GLY A 132 -4.69 -5.25 -9.82
N GLU A 133 -5.08 -5.26 -11.11
CA GLU A 133 -5.04 -6.52 -11.87
C GLU A 133 -3.66 -7.15 -11.97
N ALA A 134 -2.68 -6.36 -12.30
CA ALA A 134 -1.29 -6.83 -12.42
C ALA A 134 -0.76 -7.27 -11.07
N THR A 135 -1.09 -6.52 -10.01
CA THR A 135 -0.63 -6.86 -8.66
C THR A 135 -1.22 -8.21 -8.22
N ALA A 136 -2.52 -8.45 -8.50
CA ALA A 136 -3.11 -9.75 -8.16
C ALA A 136 -2.36 -10.91 -8.79
N LEU A 137 -1.95 -10.76 -10.04
CA LEU A 137 -1.22 -11.80 -10.77
C LEU A 137 0.15 -12.02 -10.13
N GLU A 138 0.85 -10.97 -9.74
CA GLU A 138 2.14 -11.12 -9.14
C GLU A 138 2.05 -11.64 -7.72
N VAL A 139 0.97 -11.33 -7.01
CA VAL A 139 0.77 -11.93 -5.70
C VAL A 139 0.48 -13.46 -5.82
N ARG A 140 -0.39 -13.83 -6.76
CA ARG A 140 -0.70 -15.26 -6.95
C ARG A 140 0.48 -16.01 -7.56
N ALA A 141 1.39 -15.29 -8.23
CA ALA A 141 2.68 -15.88 -8.69
C ALA A 141 3.45 -16.53 -7.54
N THR A 142 3.26 -15.95 -6.35
CA THR A 142 3.99 -16.36 -5.11
C THR A 142 3.14 -17.25 -4.21
N GLY A 143 1.96 -17.59 -4.67
CA GLY A 143 1.05 -18.46 -3.94
C GLY A 143 0.23 -17.78 -2.90
N ILE A 144 0.25 -16.45 -2.89
CA ILE A 144 -0.45 -15.74 -1.80
C ILE A 144 -1.83 -15.30 -2.28
N GLN A 145 -2.84 -15.33 -1.42
CA GLN A 145 -4.25 -15.15 -1.84
C GLN A 145 -4.91 -13.88 -1.33
N TYR A 146 -4.15 -13.06 -0.58
CA TYR A 146 -4.71 -11.93 0.16
C TYR A 146 -3.69 -10.77 0.31
N ALA A 147 -4.08 -9.56 -0.16
CA ALA A 147 -3.29 -8.39 -0.11
C ALA A 147 -3.92 -7.37 0.83
N PHE A 148 -3.06 -6.80 1.68
CA PHE A 148 -3.52 -5.80 2.64
C PHE A 148 -3.54 -4.43 1.96
N ALA A 149 -4.46 -4.23 1.02
CA ALA A 149 -4.57 -3.03 0.24
C ALA A 149 -5.97 -2.98 -0.36
N PRO A 150 -6.50 -1.77 -0.65
CA PRO A 150 -5.86 -0.47 -0.60
C PRO A 150 -5.91 0.23 0.75
N CYS A 151 -4.83 0.97 1.04
CA CYS A 151 -4.91 2.01 2.01
C CYS A 151 -5.72 3.16 1.44
N ILE A 152 -6.93 3.37 2.05
CA ILE A 152 -7.80 4.45 1.72
C ILE A 152 -7.81 5.55 2.76
N ALA A 153 -6.71 5.67 3.52
CA ALA A 153 -6.49 6.84 4.38
C ALA A 153 -6.56 8.12 3.52
N VAL A 154 -7.12 9.14 4.14
CA VAL A 154 -7.18 10.50 3.51
C VAL A 154 -6.18 11.35 4.35
N CYS A 155 -4.93 11.47 3.90
CA CYS A 155 -3.90 12.03 4.74
C CYS A 155 -4.13 13.57 4.74
N ARG A 156 -4.37 14.08 5.95
CA ARG A 156 -4.73 15.52 6.13
C ARG A 156 -3.52 16.30 6.64
N ASP A 157 -2.38 15.63 6.83
CA ASP A 157 -1.18 16.28 7.33
C ASP A 157 0.08 15.57 6.88
N PRO A 158 0.83 16.17 5.96
CA PRO A 158 1.98 15.45 5.34
C PRO A 158 3.11 15.16 6.29
N ARG A 159 3.07 15.69 7.54
CA ARG A 159 4.02 15.22 8.52
C ARG A 159 3.84 13.73 8.93
N TRP A 160 2.73 13.11 8.53
CA TRP A 160 2.54 11.69 8.80
C TRP A 160 3.51 10.80 7.93
N GLY A 161 4.20 9.83 8.55
CA GLY A 161 5.06 8.91 7.87
C GLY A 161 4.43 7.95 6.85
N ARG A 162 3.11 7.91 6.80
CA ARG A 162 2.37 7.10 5.80
C ARG A 162 1.63 7.91 4.77
N CYS A 163 1.91 9.24 4.68
CA CYS A 163 1.20 10.14 3.74
C CYS A 163 1.32 9.62 2.31
N TYR A 164 2.45 8.99 1.97
CA TYR A 164 2.65 8.43 0.57
C TYR A 164 1.69 7.26 0.29
N GLU A 165 1.14 6.64 1.36
CA GLU A 165 0.16 5.55 1.18
C GLU A 165 -1.27 6.02 0.93
N SER A 166 -1.45 7.35 0.96
CA SER A 166 -2.71 7.98 0.70
C SER A 166 -2.77 8.58 -0.66
N TYR A 167 -3.84 8.27 -1.41
CA TYR A 167 -3.92 8.82 -2.75
C TYR A 167 -4.04 10.34 -2.75
N SER A 168 -4.55 10.96 -1.70
CA SER A 168 -4.79 12.41 -1.71
C SER A 168 -5.36 12.88 -0.38
N GLU A 169 -5.20 14.18 -0.12
CA GLU A 169 -5.95 14.85 0.96
C GLU A 169 -7.39 15.08 0.65
N ASP A 170 -7.82 14.89 -0.61
CA ASP A 170 -9.20 15.05 -1.02
C ASP A 170 -9.89 13.74 -1.13
N ARG A 171 -10.82 13.51 -0.24
CA ARG A 171 -11.59 12.26 -0.21
C ARG A 171 -12.16 11.91 -1.56
N ARG A 172 -12.54 12.87 -2.41
CA ARG A 172 -13.08 12.47 -3.69
C ARG A 172 -12.11 11.71 -4.58
N ILE A 173 -10.84 12.08 -4.50
CA ILE A 173 -9.80 11.38 -5.25
C ILE A 173 -9.56 9.98 -4.66
N VAL A 174 -9.56 9.86 -3.35
CA VAL A 174 -9.38 8.54 -2.72
C VAL A 174 -10.58 7.64 -3.12
N GLN A 175 -11.81 8.21 -3.08
CA GLN A 175 -12.97 7.51 -3.52
C GLN A 175 -12.79 6.95 -4.92
N SER A 176 -12.37 7.81 -5.84
CA SER A 176 -12.09 7.40 -7.18
C SER A 176 -11.11 6.26 -7.37
N MET A 177 -10.13 6.20 -6.52
CA MET A 177 -9.06 5.19 -6.63
C MET A 177 -9.38 3.91 -5.96
N THR A 178 -10.57 3.77 -5.37
CA THR A 178 -11.04 2.47 -4.92
C THR A 178 -11.25 1.46 -6.01
N GLU A 179 -11.13 1.88 -7.25
CA GLU A 179 -10.97 0.98 -8.41
C GLU A 179 -9.85 -0.03 -8.26
N LEU A 180 -8.89 0.24 -7.40
CA LEU A 180 -7.92 -0.84 -7.09
C LEU A 180 -8.60 -2.16 -6.69
N ILE A 181 -9.67 -2.06 -5.93
CA ILE A 181 -10.41 -3.23 -5.36
C ILE A 181 -10.86 -4.22 -6.45
N PRO A 182 -11.70 -3.79 -7.41
CA PRO A 182 -12.10 -4.71 -8.46
C PRO A 182 -10.93 -5.07 -9.41
N GLY A 183 -9.81 -4.32 -9.38
CA GLY A 183 -8.67 -4.85 -10.07
C GLY A 183 -8.06 -6.04 -9.34
N LEU A 184 -7.84 -5.91 -8.04
CA LEU A 184 -7.28 -7.02 -7.23
C LEU A 184 -8.19 -8.22 -7.22
N GLN A 185 -9.49 -7.96 -6.99
CA GLN A 185 -10.46 -9.02 -6.72
C GLN A 185 -11.28 -9.51 -7.91
N GLY A 186 -11.28 -8.72 -8.98
CA GLY A 186 -12.29 -8.86 -10.02
C GLY A 186 -13.53 -8.03 -9.86
N ASP A 187 -14.18 -7.75 -11.00
CA ASP A 187 -15.44 -6.98 -10.95
C ASP A 187 -16.57 -7.79 -10.35
N VAL A 188 -17.40 -7.11 -9.59
CA VAL A 188 -18.59 -7.72 -8.94
C VAL A 188 -19.71 -7.92 -9.98
N PRO A 189 -20.56 -8.93 -9.76
CA PRO A 189 -21.60 -9.13 -10.77
C PRO A 189 -22.67 -8.04 -10.81
N LYS A 190 -23.55 -8.11 -11.80
CA LYS A 190 -24.51 -6.98 -12.03
C LYS A 190 -25.44 -6.84 -10.79
N ASP A 191 -25.82 -7.96 -10.25
CA ASP A 191 -26.80 -7.99 -9.18
C ASP A 191 -26.26 -7.57 -7.78
N PHE A 192 -25.05 -7.06 -7.67
CA PHE A 192 -24.31 -7.29 -6.42
C PHE A 192 -24.86 -6.50 -5.21
N THR A 193 -24.93 -7.12 -4.04
CA THR A 193 -25.28 -6.38 -2.82
C THR A 193 -24.09 -5.71 -2.15
N SER A 194 -24.18 -4.39 -1.98
CA SER A 194 -23.13 -3.60 -1.35
C SER A 194 -22.85 -4.19 0.04
N GLY A 195 -21.59 -4.38 0.30
CA GLY A 195 -21.07 -4.88 1.59
C GLY A 195 -20.76 -6.37 1.59
N MET A 196 -21.25 -7.11 0.58
CA MET A 196 -20.86 -8.48 0.44
C MET A 196 -19.40 -8.57 0.00
N PRO A 197 -18.72 -9.66 0.43
CA PRO A 197 -17.31 -9.83 -0.05
C PRO A 197 -17.32 -10.46 -1.40
N PHE A 198 -16.29 -10.22 -2.21
CA PHE A 198 -16.22 -10.82 -3.54
C PHE A 198 -14.74 -11.06 -3.94
N VAL A 199 -14.41 -12.23 -4.46
CA VAL A 199 -13.12 -12.43 -5.20
C VAL A 199 -13.49 -13.37 -6.38
N ALA A 200 -13.03 -13.13 -7.57
CA ALA A 200 -13.51 -13.88 -8.70
C ALA A 200 -13.06 -15.35 -8.79
N GLY A 201 -11.92 -15.65 -8.25
CA GLY A 201 -11.33 -16.98 -8.32
C GLY A 201 -9.82 -16.94 -8.19
N LYS A 202 -9.16 -18.03 -8.63
CA LYS A 202 -7.76 -18.36 -8.24
C LYS A 202 -6.75 -17.43 -8.82
N ASN A 203 -7.09 -16.61 -9.85
CA ASN A 203 -6.21 -15.64 -10.40
C ASN A 203 -6.39 -14.22 -9.83
N LYS A 204 -7.23 -14.08 -8.81
CA LYS A 204 -7.47 -12.83 -8.10
C LYS A 204 -7.13 -13.06 -6.62
N VAL A 205 -7.11 -11.97 -5.86
CA VAL A 205 -6.82 -11.97 -4.43
C VAL A 205 -7.88 -11.26 -3.67
N ALA A 206 -8.07 -11.66 -2.44
CA ALA A 206 -8.82 -10.86 -1.48
C ALA A 206 -8.08 -9.54 -1.14
N ALA A 207 -8.85 -8.45 -1.12
CA ALA A 207 -8.39 -7.10 -0.83
C ALA A 207 -8.76 -6.73 0.59
N CYS A 208 -8.24 -5.55 0.99
CA CYS A 208 -8.43 -5.06 2.33
C CYS A 208 -8.46 -3.53 2.36
N ALA A 209 -9.59 -2.96 2.68
CA ALA A 209 -9.65 -1.51 2.84
C ALA A 209 -9.13 -1.16 4.23
N LYS A 210 -8.14 -0.29 4.28
CA LYS A 210 -7.43 -0.04 5.55
C LYS A 210 -7.09 1.45 5.68
N HIS A 211 -6.90 1.99 6.90
CA HIS A 211 -7.13 1.37 8.19
C HIS A 211 -8.39 2.09 8.80
N PHE A 212 -9.38 1.34 9.17
CA PHE A 212 -10.67 1.90 9.55
C PHE A 212 -10.56 2.46 10.97
N VAL A 213 -10.84 3.76 11.20
CA VAL A 213 -11.13 4.84 10.21
C VAL A 213 -10.47 6.10 10.80
N GLY A 214 -10.10 7.03 9.92
CA GLY A 214 -9.43 8.27 10.31
C GLY A 214 -7.93 8.19 10.54
N ASP A 215 -7.26 7.13 10.02
CA ASP A 215 -5.87 7.01 10.17
C ASP A 215 -5.13 8.20 9.60
N GLY A 216 -5.68 8.83 8.56
CA GLY A 216 -5.08 10.04 7.97
C GLY A 216 -5.38 11.38 8.70
N GLY A 217 -6.10 11.29 9.81
CA GLY A 217 -6.63 12.54 10.48
C GLY A 217 -5.93 12.79 11.79
N THR A 218 -4.82 12.13 12.05
CA THR A 218 -4.31 12.17 13.41
C THR A 218 -3.60 13.53 13.70
N VAL A 219 -3.64 13.96 14.98
CA VAL A 219 -3.03 15.25 15.44
C VAL A 219 -1.55 15.37 15.03
N ASP A 220 -1.26 16.47 14.29
CA ASP A 220 0.09 16.79 13.78
C ASP A 220 0.65 15.66 12.88
N GLY A 221 -0.24 14.81 12.36
CA GLY A 221 0.22 13.65 11.50
C GLY A 221 0.98 12.63 12.33
N ILE A 222 0.76 12.57 13.65
CA ILE A 222 1.49 11.60 14.52
C ILE A 222 0.90 10.20 14.28
N ASN A 223 1.75 9.24 13.85
CA ASN A 223 1.26 7.97 13.38
C ASN A 223 0.61 7.25 14.59
N GLU A 224 -0.54 6.63 14.37
CA GLU A 224 -1.20 5.81 15.39
C GLU A 224 -1.82 6.63 16.51
N ASN A 225 -1.89 7.94 16.32
CA ASN A 225 -2.35 8.82 17.42
C ASN A 225 -3.86 9.09 17.42
N ASN A 226 -4.27 10.26 17.92
CA ASN A 226 -5.68 10.59 18.06
C ASN A 226 -6.14 11.44 16.95
N THR A 227 -7.31 11.10 16.41
CA THR A 227 -7.94 11.88 15.40
C THR A 227 -9.10 12.63 16.07
N ILE A 228 -8.92 13.95 16.18
CA ILE A 228 -9.88 14.83 16.93
C ILE A 228 -10.74 15.52 15.88
N ILE A 229 -11.99 15.09 15.70
CA ILE A 229 -12.84 15.71 14.70
C ILE A 229 -14.21 15.27 15.05
N ASN A 230 -15.21 16.12 14.79
CA ASN A 230 -16.59 15.73 15.14
C ASN A 230 -17.09 14.68 14.17
N ARG A 231 -18.21 14.03 14.52
CA ARG A 231 -18.78 12.98 13.65
C ARG A 231 -19.03 13.47 12.24
N GLU A 232 -19.51 14.70 12.08
CA GLU A 232 -19.71 15.20 10.74
C GLU A 232 -18.46 15.18 9.85
N GLY A 233 -17.31 15.56 10.39
CA GLY A 233 -16.05 15.58 9.68
C GLY A 233 -15.47 14.18 9.43
N LEU A 234 -15.64 13.30 10.41
CA LEU A 234 -15.26 11.88 10.24
C LEU A 234 -16.02 11.33 9.07
N MET A 235 -17.33 11.61 9.01
CA MET A 235 -18.18 11.05 7.95
C MET A 235 -18.01 11.72 6.63
N ASN A 236 -17.55 12.97 6.64
CA ASN A 236 -17.37 13.74 5.44
C ASN A 236 -16.01 13.56 4.77
N ILE A 237 -14.97 13.29 5.59
CA ILE A 237 -13.59 13.22 5.04
C ILE A 237 -13.11 11.77 5.06
N HIS A 238 -13.17 11.14 6.23
CA HIS A 238 -12.46 9.89 6.41
C HIS A 238 -13.23 8.62 6.06
N MET A 239 -14.56 8.65 6.13
CA MET A 239 -15.43 7.54 5.89
C MET A 239 -15.84 7.28 4.46
N PRO A 240 -16.09 8.32 3.64
CA PRO A 240 -16.74 8.01 2.36
C PRO A 240 -16.20 6.89 1.49
N ALA A 241 -14.87 6.81 1.37
CA ALA A 241 -14.25 5.73 0.57
C ALA A 241 -14.55 4.31 1.03
N TYR A 242 -14.86 4.18 2.32
CA TYR A 242 -15.30 2.85 2.88
C TYR A 242 -16.61 2.40 2.23
N LYS A 243 -17.51 3.36 1.94
CA LYS A 243 -18.78 3.03 1.29
C LYS A 243 -18.54 2.61 -0.12
N ASN A 244 -17.67 3.31 -0.89
CA ASN A 244 -17.32 2.89 -2.25
C ASN A 244 -16.71 1.42 -2.21
N ALA A 245 -15.95 1.15 -1.17
CA ALA A 245 -15.31 -0.19 -1.04
C ALA A 245 -16.35 -1.25 -0.78
N MET A 246 -17.38 -0.92 -0.01
CA MET A 246 -18.53 -1.86 0.19
C MET A 246 -19.21 -2.12 -1.14
N ASP A 247 -19.49 -1.04 -1.88
CA ASP A 247 -20.14 -1.15 -3.20
C ASP A 247 -19.36 -2.00 -4.23
N LYS A 248 -18.04 -2.10 -4.07
CA LYS A 248 -17.18 -2.92 -4.90
C LYS A 248 -16.76 -4.21 -4.28
N GLY A 249 -17.38 -4.57 -3.16
CA GLY A 249 -17.24 -5.90 -2.65
C GLY A 249 -15.90 -6.21 -1.96
N VAL A 250 -15.26 -5.19 -1.34
CA VAL A 250 -13.99 -5.43 -0.63
C VAL A 250 -14.21 -6.55 0.36
N SER A 251 -13.28 -7.53 0.34
CA SER A 251 -13.47 -8.71 1.17
C SER A 251 -13.24 -8.56 2.66
N THR A 252 -12.27 -7.74 3.01
CA THR A 252 -11.89 -7.49 4.37
C THR A 252 -11.63 -6.03 4.65
N VAL A 253 -11.67 -5.67 5.91
CA VAL A 253 -11.35 -4.32 6.40
C VAL A 253 -10.42 -4.44 7.57
N MET A 254 -9.32 -3.71 7.55
CA MET A 254 -8.39 -3.72 8.64
C MET A 254 -8.65 -2.46 9.54
N ILE A 255 -8.59 -2.68 10.85
CA ILE A 255 -8.81 -1.61 11.82
C ILE A 255 -7.52 -0.79 12.05
N SER A 256 -7.68 0.50 12.27
CA SER A 256 -6.58 1.43 12.55
C SER A 256 -6.02 1.39 13.99
N TYR A 257 -4.73 1.54 14.15
CA TYR A 257 -4.11 1.77 15.49
C TYR A 257 -4.59 3.06 16.17
N SER A 258 -5.07 3.97 15.35
CA SER A 258 -5.49 5.31 15.81
C SER A 258 -6.74 5.26 16.60
N SER A 259 -6.96 6.40 17.26
CA SER A 259 -8.14 6.63 18.04
C SER A 259 -9.06 7.69 17.42
N TRP A 260 -10.35 7.68 17.76
CA TRP A 260 -11.23 8.75 17.31
C TRP A 260 -11.80 9.43 18.58
N ASN A 261 -11.48 10.72 18.73
CA ASN A 261 -11.83 11.45 19.97
C ASN A 261 -11.50 10.66 21.23
N GLY A 262 -10.28 10.13 21.26
CA GLY A 262 -9.80 9.39 22.44
C GLY A 262 -10.19 7.94 22.61
N VAL A 263 -11.06 7.39 21.74
CA VAL A 263 -11.46 6.00 21.82
C VAL A 263 -10.64 5.16 20.80
N LYS A 264 -9.97 4.14 21.24
CA LYS A 264 -9.17 3.30 20.30
C LYS A 264 -10.12 2.67 19.29
N MET A 265 -9.77 2.74 18.01
CA MET A 265 -10.54 2.03 16.99
C MET A 265 -10.66 0.51 17.30
N HIS A 266 -9.60 -0.12 17.82
CA HIS A 266 -9.59 -1.54 18.05
C HIS A 266 -10.54 -1.90 19.17
N ALA A 267 -11.08 -0.88 19.86
CA ALA A 267 -12.09 -1.15 20.92
C ALA A 267 -13.39 -0.46 20.68
N ASN A 268 -13.62 0.05 19.49
CA ASN A 268 -14.76 0.92 19.16
C ASN A 268 -15.92 0.16 18.59
N GLN A 269 -16.80 -0.33 19.49
CA GLN A 269 -17.95 -1.10 19.08
C GLN A 269 -18.91 -0.31 18.26
N ASP A 270 -19.10 0.97 18.60
CA ASP A 270 -20.01 1.84 17.87
C ASP A 270 -19.64 1.95 16.39
N LEU A 271 -18.36 2.12 16.10
CA LEU A 271 -17.95 2.22 14.70
C LEU A 271 -17.77 0.88 13.96
N VAL A 272 -17.12 -0.09 14.61
CA VAL A 272 -16.86 -1.38 13.99
C VAL A 272 -18.15 -2.16 13.82
N THR A 273 -18.94 -2.31 14.87
CA THR A 273 -20.18 -3.11 14.76
C THR A 273 -21.34 -2.18 14.38
N GLY A 274 -21.56 -1.10 15.09
CA GLY A 274 -22.75 -0.23 14.82
C GLY A 274 -22.70 0.38 13.43
N TYR A 275 -21.55 0.87 12.99
CA TYR A 275 -21.44 1.52 11.69
C TYR A 275 -21.05 0.59 10.52
N LEU A 276 -19.82 0.07 10.54
CA LEU A 276 -19.38 -0.80 9.41
C LEU A 276 -20.26 -1.98 9.20
N LYS A 277 -20.45 -2.78 10.25
CA LYS A 277 -21.29 -3.98 10.11
C LYS A 277 -22.77 -3.63 9.97
N ASP A 278 -23.31 -2.91 10.93
CA ASP A 278 -24.77 -2.78 10.98
C ASP A 278 -25.31 -1.71 10.03
N THR A 279 -24.53 -0.66 9.70
CA THR A 279 -25.03 0.46 8.85
C THR A 279 -24.59 0.29 7.43
N LEU A 280 -23.27 0.06 7.21
CA LEU A 280 -22.78 -0.20 5.86
C LEU A 280 -23.07 -1.64 5.38
N LYS A 281 -23.51 -2.52 6.28
CA LYS A 281 -23.86 -3.88 5.95
C LYS A 281 -22.65 -4.69 5.44
N PHE A 282 -21.50 -4.36 5.93
CA PHE A 282 -20.30 -5.21 5.67
C PHE A 282 -20.45 -6.63 6.13
N LYS A 283 -20.22 -7.61 5.22
CA LYS A 283 -20.40 -9.01 5.50
C LYS A 283 -19.12 -9.81 5.29
N GLY A 284 -18.03 -9.13 4.94
CA GLY A 284 -16.74 -9.79 4.98
C GLY A 284 -16.17 -9.81 6.36
N PHE A 285 -14.88 -10.04 6.51
CA PHE A 285 -14.26 -10.07 7.83
C PHE A 285 -13.43 -8.84 8.15
N VAL A 286 -13.46 -8.51 9.43
CA VAL A 286 -12.73 -7.39 10.03
C VAL A 286 -11.50 -7.95 10.71
N ILE A 287 -10.35 -7.42 10.29
CA ILE A 287 -9.04 -7.91 10.79
C ILE A 287 -8.40 -6.79 11.62
N SER A 288 -7.72 -7.18 12.72
CA SER A 288 -6.88 -6.22 13.45
C SER A 288 -5.66 -5.79 12.66
N ASP A 289 -5.02 -4.69 13.11
CA ASP A 289 -3.66 -4.44 12.66
C ASP A 289 -2.68 -5.23 13.59
N TRP A 290 -1.40 -5.08 13.30
CA TRP A 290 -0.33 -5.93 13.84
C TRP A 290 -0.17 -5.55 15.33
N GLU A 291 -0.48 -6.48 16.23
CA GLU A 291 -0.50 -6.17 17.73
C GLU A 291 -1.43 -4.98 18.00
N GLY A 292 -2.40 -4.80 17.13
CA GLY A 292 -3.37 -3.69 17.33
C GLY A 292 -4.16 -3.81 18.62
N ILE A 293 -4.54 -5.03 19.02
CA ILE A 293 -5.33 -5.21 20.25
C ILE A 293 -4.43 -4.94 21.48
N ASP A 294 -3.17 -5.31 21.38
CA ASP A 294 -2.19 -5.04 22.47
C ASP A 294 -2.17 -3.52 22.78
N ARG A 295 -2.25 -2.72 21.72
CA ARG A 295 -2.09 -1.23 21.79
C ARG A 295 -3.36 -0.50 22.22
N ILE A 296 -4.43 -1.24 22.55
CA ILE A 296 -5.61 -0.65 23.21
C ILE A 296 -5.22 -0.05 24.55
N THR A 297 -4.31 -0.75 25.22
CA THR A 297 -3.89 -0.37 26.56
C THR A 297 -2.65 0.48 26.54
N THR A 298 -2.45 1.20 27.65
CA THR A 298 -1.21 1.92 27.88
C THR A 298 -0.57 1.51 29.22
N PRO A 299 0.67 0.98 29.22
CA PRO A 299 1.42 0.63 28.03
C PRO A 299 0.72 -0.51 27.19
N ALA A 300 1.22 -0.67 25.95
CA ALA A 300 0.73 -1.72 25.04
C ALA A 300 1.03 -3.03 25.66
N GLY A 301 0.10 -3.96 25.65
CA GLY A 301 0.43 -5.31 26.07
C GLY A 301 0.34 -5.54 27.58
N SER A 302 -0.04 -4.52 28.32
CA SER A 302 -0.12 -4.59 29.78
C SER A 302 -1.37 -5.24 30.36
N ASP A 303 -2.42 -5.46 29.56
CA ASP A 303 -3.54 -6.25 30.04
C ASP A 303 -4.15 -6.92 28.80
N TYR A 304 -3.50 -7.98 28.40
CA TYR A 304 -3.87 -8.67 27.13
C TYR A 304 -5.22 -9.33 27.27
N SER A 305 -5.57 -9.75 28.49
CA SER A 305 -6.94 -10.23 28.74
C SER A 305 -7.98 -9.20 28.34
N TYR A 306 -7.76 -7.97 28.78
CA TYR A 306 -8.64 -6.84 28.38
C TYR A 306 -8.60 -6.58 26.88
N SER A 307 -7.41 -6.58 26.31
CA SER A 307 -7.26 -6.38 24.87
C SER A 307 -8.12 -7.36 24.04
N VAL A 308 -8.10 -8.62 24.45
CA VAL A 308 -8.89 -9.68 23.74
C VAL A 308 -10.36 -9.42 23.95
N LYS A 309 -10.77 -9.14 25.24
CA LYS A 309 -12.18 -8.85 25.43
C LYS A 309 -12.70 -7.65 24.65
N ALA A 310 -12.01 -6.54 24.78
CA ALA A 310 -12.43 -5.29 24.20
C ALA A 310 -12.55 -5.37 22.68
N SER A 311 -11.56 -6.01 22.06
CA SER A 311 -11.52 -6.11 20.56
C SER A 311 -12.58 -7.04 19.99
N ILE A 312 -12.71 -8.21 20.57
CA ILE A 312 -13.68 -9.18 20.10
C ILE A 312 -15.11 -8.65 20.37
N LEU A 313 -15.34 -8.05 21.55
CA LEU A 313 -16.66 -7.45 21.78
C LEU A 313 -16.89 -6.28 20.87
N ALA A 314 -15.86 -5.53 20.48
CA ALA A 314 -16.09 -4.43 19.55
C ALA A 314 -16.54 -4.87 18.19
N GLY A 315 -16.23 -6.12 17.84
CA GLY A 315 -16.66 -6.69 16.61
C GLY A 315 -15.56 -7.14 15.61
N LEU A 316 -14.31 -7.14 16.05
CA LEU A 316 -13.24 -7.64 15.20
C LEU A 316 -13.43 -9.14 15.06
N ASP A 317 -13.09 -9.66 13.88
CA ASP A 317 -13.28 -11.07 13.52
C ASP A 317 -12.02 -11.91 13.55
N MET A 318 -10.93 -11.39 13.03
CA MET A 318 -9.67 -12.08 12.92
C MET A 318 -8.59 -11.14 13.54
N ILE A 319 -7.73 -11.73 14.35
CA ILE A 319 -6.70 -11.02 15.07
C ILE A 319 -5.36 -11.37 14.46
N MET A 320 -4.67 -10.30 14.06
CA MET A 320 -3.28 -10.42 13.58
C MET A 320 -2.45 -10.40 14.82
N VAL A 321 -2.08 -11.56 15.33
CA VAL A 321 -1.61 -11.65 16.72
C VAL A 321 -0.30 -10.86 16.90
N PRO A 322 0.76 -11.13 16.08
CA PRO A 322 0.92 -12.24 15.16
C PRO A 322 1.78 -13.39 15.70
N ASN A 323 2.38 -13.20 16.89
CA ASN A 323 3.37 -14.13 17.42
C ASN A 323 2.87 -14.96 18.53
N LYS A 324 2.25 -14.30 19.52
CA LYS A 324 1.71 -15.02 20.73
C LYS A 324 0.41 -15.65 20.62
N TYR A 325 0.33 -16.60 19.68
CA TYR A 325 -0.90 -17.25 19.42
C TYR A 325 -1.40 -18.11 20.64
N GLN A 326 -0.50 -18.76 21.36
CA GLN A 326 -0.94 -19.69 22.44
C GLN A 326 -1.71 -18.85 23.48
N GLN A 327 -1.16 -17.76 23.81
CA GLN A 327 -1.77 -16.81 24.81
C GLN A 327 -3.10 -16.20 24.29
N PHE A 328 -3.12 -15.79 23.02
CA PHE A 328 -4.36 -15.31 22.43
C PHE A 328 -5.42 -16.36 22.53
N ILE A 329 -5.14 -17.54 22.04
CA ILE A 329 -6.15 -18.59 21.99
C ILE A 329 -6.62 -18.99 23.42
N SER A 330 -5.66 -19.05 24.29
CA SER A 330 -5.96 -19.45 25.66
C SER A 330 -6.91 -18.41 26.34
N ILE A 331 -6.59 -17.14 26.18
CA ILE A 331 -7.36 -16.03 26.77
C ILE A 331 -8.73 -15.96 26.18
N LEU A 332 -8.84 -16.06 24.83
CA LEU A 332 -10.16 -16.00 24.19
C LEU A 332 -11.02 -17.21 24.61
N THR A 333 -10.40 -18.41 24.63
CA THR A 333 -11.12 -19.63 25.12
C THR A 333 -11.73 -19.42 26.56
N GLY A 334 -10.91 -18.86 27.44
CA GLY A 334 -11.31 -18.63 28.84
C GLY A 334 -12.46 -17.66 28.91
N HIS A 335 -12.42 -16.62 28.09
CA HIS A 335 -13.53 -15.63 28.06
C HIS A 335 -14.81 -16.25 27.58
N VAL A 336 -14.73 -17.15 26.57
CA VAL A 336 -15.93 -17.78 26.13
C VAL A 336 -16.42 -18.78 27.23
N ASN A 337 -15.48 -19.48 27.85
CA ASN A 337 -15.82 -20.55 28.80
C ASN A 337 -16.48 -19.85 30.01
N GLY A 338 -16.08 -18.63 30.29
CA GLY A 338 -16.62 -17.83 31.35
C GLY A 338 -17.87 -17.06 31.10
N GLY A 339 -18.40 -17.11 29.87
CA GLY A 339 -19.43 -16.19 29.49
C GLY A 339 -19.20 -14.77 29.26
N VAL A 340 -17.94 -14.30 29.27
CA VAL A 340 -17.62 -12.95 29.03
C VAL A 340 -17.83 -12.55 27.56
N ILE A 341 -17.58 -13.52 26.67
CA ILE A 341 -17.80 -13.27 25.21
C ILE A 341 -18.82 -14.37 24.79
N PRO A 342 -19.98 -13.99 24.24
CA PRO A 342 -20.99 -14.99 23.93
C PRO A 342 -20.65 -15.79 22.67
N MET A 343 -21.13 -16.98 22.59
CA MET A 343 -20.93 -17.79 21.38
C MET A 343 -21.43 -17.14 20.12
N SER A 344 -22.46 -16.32 20.21
CA SER A 344 -22.94 -15.61 19.12
C SER A 344 -21.85 -14.74 18.44
N ARG A 345 -20.99 -14.16 19.23
CA ARG A 345 -19.89 -13.27 18.72
C ARG A 345 -18.85 -14.08 17.98
N ILE A 346 -18.46 -15.20 18.60
CA ILE A 346 -17.55 -16.16 17.96
C ILE A 346 -18.12 -16.66 16.63
N ASP A 347 -19.40 -17.05 16.65
CA ASP A 347 -20.03 -17.61 15.48
C ASP A 347 -20.13 -16.56 14.31
N ASP A 348 -20.28 -15.28 14.66
CA ASP A 348 -20.36 -14.21 13.67
C ASP A 348 -18.96 -14.10 13.06
N ALA A 349 -17.93 -14.07 13.90
CA ALA A 349 -16.54 -13.83 13.41
C ALA A 349 -16.22 -14.95 12.42
N VAL A 350 -16.53 -16.19 12.82
CA VAL A 350 -16.23 -17.38 12.01
C VAL A 350 -17.10 -17.45 10.79
N THR A 351 -18.34 -17.05 10.87
CA THR A 351 -19.19 -16.97 9.67
C THR A 351 -18.51 -16.06 8.60
N ARG A 352 -18.10 -14.92 9.02
CA ARG A 352 -17.51 -13.94 8.12
C ARG A 352 -16.15 -14.44 7.51
N ILE A 353 -15.31 -15.08 8.32
CA ILE A 353 -14.07 -15.58 7.84
C ILE A 353 -14.34 -16.67 6.79
N LEU A 354 -15.20 -17.63 7.15
CA LEU A 354 -15.56 -18.66 6.22
C LEU A 354 -16.24 -18.14 4.98
N ARG A 355 -17.09 -17.11 5.11
CA ARG A 355 -17.76 -16.54 3.96
C ARG A 355 -16.70 -16.05 2.94
N VAL A 356 -15.65 -15.35 3.39
CA VAL A 356 -14.66 -14.86 2.46
C VAL A 356 -13.91 -16.02 1.83
N LYS A 357 -13.57 -17.01 2.63
CA LYS A 357 -12.80 -18.19 2.13
C LYS A 357 -13.59 -19.00 1.06
N PHE A 358 -14.85 -19.26 1.35
CA PHE A 358 -15.63 -19.97 0.37
C PHE A 358 -15.90 -19.12 -0.89
N THR A 359 -16.28 -17.88 -0.70
CA THR A 359 -16.54 -16.98 -1.80
C THR A 359 -15.40 -16.88 -2.82
N MET A 360 -14.15 -16.78 -2.34
CA MET A 360 -13.01 -16.58 -3.20
C MET A 360 -12.50 -17.85 -3.86
N GLY A 361 -13.12 -18.99 -3.54
CA GLY A 361 -12.68 -20.24 -4.08
C GLY A 361 -11.61 -21.04 -3.35
N LEU A 362 -11.28 -20.57 -2.12
CA LEU A 362 -10.13 -21.14 -1.44
C LEU A 362 -10.28 -22.61 -1.09
N PHE A 363 -11.50 -23.11 -0.88
CA PHE A 363 -11.72 -24.52 -0.68
C PHE A 363 -11.57 -25.33 -1.94
N GLU A 364 -11.73 -24.73 -3.11
CA GLU A 364 -11.53 -25.44 -4.33
C GLU A 364 -10.13 -25.33 -4.84
N ASN A 365 -9.40 -24.26 -4.56
CA ASN A 365 -8.03 -24.07 -5.02
C ASN A 365 -7.16 -23.61 -3.83
N PRO A 366 -6.89 -24.54 -2.91
CA PRO A 366 -6.14 -24.13 -1.73
C PRO A 366 -4.63 -24.00 -1.98
N TYR A 367 -4.16 -24.62 -3.04
CA TYR A 367 -2.72 -24.64 -3.38
C TYR A 367 -2.36 -23.72 -4.52
N ALA A 368 -1.09 -23.39 -4.54
CA ALA A 368 -0.52 -22.57 -5.61
C ALA A 368 -0.53 -23.15 -6.97
N ASP A 369 -0.56 -22.27 -7.97
CA ASP A 369 -0.45 -22.74 -9.36
C ASP A 369 0.91 -22.46 -9.91
N PRO A 370 1.68 -23.53 -10.17
CA PRO A 370 3.07 -23.31 -10.58
C PRO A 370 3.18 -22.54 -11.89
N ALA A 371 2.19 -22.64 -12.72
CA ALA A 371 2.21 -21.86 -13.99
C ALA A 371 2.07 -20.40 -13.81
N MET A 372 1.69 -19.93 -12.62
CA MET A 372 1.58 -18.50 -12.39
C MET A 372 2.89 -17.88 -11.98
N ALA A 373 3.93 -18.69 -11.70
CA ALA A 373 5.18 -18.12 -11.16
C ALA A 373 5.79 -17.08 -12.09
N GLU A 374 5.65 -17.32 -13.40
CA GLU A 374 6.19 -16.48 -14.46
C GLU A 374 5.50 -15.15 -14.61
N GLN A 375 4.41 -14.95 -13.89
CA GLN A 375 3.84 -13.59 -13.78
C GLN A 375 4.65 -12.58 -13.03
N LEU A 376 5.51 -13.03 -12.08
CA LEU A 376 6.36 -12.14 -11.34
C LEU A 376 7.31 -11.34 -12.20
N GLY A 377 7.29 -10.01 -12.04
CA GLY A 377 8.08 -9.08 -12.82
C GLY A 377 7.88 -9.13 -14.31
N LYS A 378 6.73 -9.59 -14.77
CA LYS A 378 6.46 -9.69 -16.23
C LYS A 378 6.56 -8.34 -16.92
N GLN A 379 7.23 -8.30 -18.03
CA GLN A 379 7.46 -7.07 -18.79
C GLN A 379 6.16 -6.27 -19.09
N GLU A 380 5.04 -6.95 -19.36
CA GLU A 380 3.76 -6.24 -19.58
C GLU A 380 3.41 -5.39 -18.33
N HIS A 381 3.77 -5.93 -17.18
CA HIS A 381 3.45 -5.28 -15.91
C HIS A 381 4.39 -4.13 -15.66
N ARG A 382 5.63 -4.30 -16.05
CA ARG A 382 6.57 -3.23 -15.96
C ARG A 382 6.21 -2.09 -16.90
N ASP A 383 5.73 -2.41 -18.11
CA ASP A 383 5.31 -1.39 -19.02
C ASP A 383 4.15 -0.53 -18.37
N LEU A 384 3.23 -1.20 -17.66
CA LEU A 384 2.13 -0.55 -16.92
C LEU A 384 2.71 0.33 -15.87
N ALA A 385 3.70 -0.12 -15.11
CA ALA A 385 4.25 0.63 -14.01
C ALA A 385 4.94 1.87 -14.56
N ARG A 386 5.59 1.69 -15.69
CA ARG A 386 6.28 2.81 -16.44
C ARG A 386 5.31 3.87 -16.92
N GLU A 387 4.16 3.46 -17.38
CA GLU A 387 3.06 4.38 -17.76
C GLU A 387 2.62 5.11 -16.50
N ALA A 388 2.37 4.37 -15.42
CA ALA A 388 1.96 4.99 -14.13
C ALA A 388 2.95 5.99 -13.58
N ALA A 389 4.25 5.69 -13.65
CA ALA A 389 5.25 6.54 -13.12
C ALA A 389 5.22 7.84 -13.93
N ARG A 390 5.19 7.73 -15.23
CA ARG A 390 5.18 8.89 -16.11
C ARG A 390 3.93 9.77 -15.83
N LYS A 391 2.76 9.17 -15.66
CA LYS A 391 1.51 9.94 -15.43
C LYS A 391 1.54 10.59 -14.07
N SER A 392 2.34 10.01 -13.12
CA SER A 392 2.30 10.52 -11.80
C SER A 392 3.11 11.81 -11.60
N LEU A 393 4.02 12.07 -12.52
CA LEU A 393 4.99 13.15 -12.37
C LEU A 393 4.24 14.50 -12.40
N VAL A 394 4.61 15.38 -11.50
CA VAL A 394 3.95 16.76 -11.57
C VAL A 394 5.08 17.74 -11.87
N LEU A 395 4.94 18.49 -12.98
CA LEU A 395 5.87 19.50 -13.33
C LEU A 395 5.52 20.78 -12.57
N LEU A 396 6.48 21.21 -11.74
CA LEU A 396 6.26 22.40 -10.90
C LEU A 396 6.84 23.67 -11.48
N LYS A 397 7.86 23.55 -12.28
CA LYS A 397 8.56 24.69 -12.88
C LYS A 397 9.16 24.26 -14.17
N ASN A 398 9.15 25.08 -15.22
CA ASN A 398 9.79 24.71 -16.47
C ASN A 398 10.33 26.01 -17.13
N GLY A 399 11.29 26.64 -16.50
CA GLY A 399 11.82 27.96 -16.87
C GLY A 399 11.87 28.93 -15.69
N LYS A 400 13.01 29.61 -15.54
CA LYS A 400 13.17 30.56 -14.43
C LYS A 400 12.44 31.87 -14.64
N THR A 401 12.23 32.26 -15.89
CA THR A 401 11.46 33.44 -16.14
C THR A 401 10.48 33.02 -17.24
N SER A 402 9.51 33.87 -17.48
CA SER A 402 8.44 33.64 -18.41
C SER A 402 8.94 33.73 -19.83
N THR A 403 10.06 34.37 -19.98
CA THR A 403 10.75 34.59 -21.24
C THR A 403 11.86 33.57 -21.68
N ASP A 404 12.29 32.73 -20.75
CA ASP A 404 13.31 31.72 -21.03
C ASP A 404 12.72 30.68 -21.98
N ALA A 405 13.58 30.08 -22.76
CA ALA A 405 13.19 28.91 -23.50
C ALA A 405 12.82 27.79 -22.45
N PRO A 406 11.76 27.07 -22.66
CA PRO A 406 11.43 25.99 -21.71
C PRO A 406 12.52 24.94 -21.77
N LEU A 407 12.98 24.50 -20.60
CA LEU A 407 14.03 23.46 -20.59
C LEU A 407 13.49 22.09 -21.04
N LEU A 408 12.31 21.71 -20.55
CA LEU A 408 11.74 20.41 -20.87
C LEU A 408 10.69 20.58 -22.00
N PRO A 409 10.68 19.66 -22.97
CA PRO A 409 11.49 18.41 -23.01
C PRO A 409 12.90 18.65 -23.44
N LEU A 410 13.79 17.84 -22.88
CA LEU A 410 15.21 17.87 -23.19
C LEU A 410 15.47 17.13 -24.52
N PRO A 411 16.51 17.53 -25.26
CA PRO A 411 16.88 16.79 -26.48
C PRO A 411 17.59 15.52 -26.14
N LYS A 412 17.26 14.44 -26.87
CA LYS A 412 17.99 13.16 -26.69
C LYS A 412 19.43 13.12 -27.26
N LYS A 413 19.66 14.02 -28.20
CA LYS A 413 20.97 14.18 -28.86
C LYS A 413 21.64 15.46 -28.39
N ALA A 414 22.74 15.29 -27.66
CA ALA A 414 23.58 16.38 -27.14
C ALA A 414 25.01 15.84 -27.02
N PRO A 415 26.04 16.70 -27.10
CA PRO A 415 27.35 16.08 -27.02
C PRO A 415 27.68 15.38 -25.70
N LYS A 416 27.35 16.00 -24.59
CA LYS A 416 27.66 15.49 -23.28
C LYS A 416 26.64 16.03 -22.33
N ILE A 417 26.12 15.14 -21.47
CA ILE A 417 25.15 15.54 -20.45
C ILE A 417 25.56 15.00 -19.07
N LEU A 418 25.07 15.64 -18.00
CA LEU A 418 25.39 15.24 -16.65
C LEU A 418 24.13 14.69 -15.98
N VAL A 419 24.24 13.57 -15.32
CA VAL A 419 23.22 13.03 -14.42
C VAL A 419 23.88 12.98 -13.03
N ALA A 420 23.21 13.60 -12.08
CA ALA A 420 23.77 13.76 -10.74
C ALA A 420 22.72 13.61 -9.65
N GLY A 421 23.21 13.54 -8.42
CA GLY A 421 22.40 13.48 -7.22
C GLY A 421 22.34 12.08 -6.57
N SER A 422 22.07 12.11 -5.28
CA SER A 422 21.89 10.94 -4.46
C SER A 422 20.78 9.98 -4.93
N HIS A 423 19.81 10.48 -5.68
CA HIS A 423 18.65 9.66 -6.10
C HIS A 423 18.67 9.36 -7.58
N ALA A 424 19.74 9.71 -8.30
CA ALA A 424 19.82 9.43 -9.73
C ALA A 424 20.12 7.99 -10.06
N ASP A 425 20.80 7.28 -9.18
CA ASP A 425 21.19 5.90 -9.45
C ASP A 425 21.01 5.13 -8.18
N ASN A 426 19.78 5.09 -7.63
CA ASN A 426 19.54 4.35 -6.39
C ASN A 426 18.12 3.80 -6.44
N LEU A 427 18.04 2.54 -6.80
CA LEU A 427 16.70 1.94 -7.06
C LEU A 427 15.89 1.92 -5.76
N GLY A 428 16.50 1.56 -4.63
CA GLY A 428 15.76 1.53 -3.37
C GLY A 428 15.17 2.93 -3.00
N TYR A 429 15.95 4.01 -3.22
CA TYR A 429 15.41 5.34 -2.94
C TYR A 429 14.20 5.67 -3.82
N GLN A 430 14.27 5.25 -5.08
CA GLN A 430 13.19 5.58 -6.00
C GLN A 430 11.95 4.77 -5.74
N CYS A 431 12.09 3.63 -5.06
CA CYS A 431 10.94 2.86 -4.63
C CYS A 431 10.35 3.26 -3.30
N GLY A 432 11.18 3.77 -2.39
CA GLY A 432 10.75 4.16 -1.07
C GLY A 432 10.27 2.99 -0.18
N GLY A 433 9.50 3.32 0.85
CA GLY A 433 9.11 2.32 1.80
C GLY A 433 8.33 1.14 1.21
N TRP A 434 8.15 0.09 2.02
CA TRP A 434 7.42 -1.10 1.61
C TRP A 434 7.99 -1.63 0.28
N THR A 435 9.35 -1.72 0.21
CA THR A 435 9.98 -2.33 -0.89
C THR A 435 11.13 -3.23 -0.35
N ILE A 436 10.90 -4.53 -0.42
CA ILE A 436 11.80 -5.60 0.10
C ILE A 436 11.79 -5.67 1.64
N GLU A 437 11.95 -4.51 2.30
CA GLU A 437 11.70 -4.33 3.74
C GLU A 437 10.56 -3.36 3.94
N ALA A 438 9.95 -3.34 5.13
CA ALA A 438 8.99 -2.29 5.43
C ALA A 438 9.50 -0.89 5.28
N GLN A 439 10.69 -0.65 5.86
CA GLN A 439 11.30 0.64 5.82
C GLN A 439 11.99 0.99 4.48
N GLY A 440 11.86 0.12 3.51
CA GLY A 440 12.74 0.18 2.32
C GLY A 440 14.19 0.02 2.60
N ASP A 441 15.02 0.43 1.64
CA ASP A 441 16.45 0.21 1.69
C ASP A 441 17.09 1.04 0.62
N THR A 442 18.42 1.01 0.59
CA THR A 442 19.27 1.77 -0.32
C THR A 442 19.90 0.87 -1.30
N GLY A 443 19.97 1.32 -2.55
CA GLY A 443 20.77 0.66 -3.61
C GLY A 443 19.98 -0.27 -4.51
N ARG A 444 20.65 -1.29 -5.03
CA ARG A 444 20.03 -2.15 -6.03
C ARG A 444 19.35 -3.34 -5.30
N THR A 445 18.18 -3.11 -4.74
CA THR A 445 17.51 -4.04 -3.87
C THR A 445 16.58 -5.03 -4.54
N THR A 446 16.34 -4.80 -5.83
CA THR A 446 15.48 -5.65 -6.64
C THR A 446 15.77 -5.37 -8.10
N VAL A 447 14.95 -5.87 -9.03
CA VAL A 447 15.18 -5.69 -10.47
C VAL A 447 14.42 -4.42 -10.89
N GLY A 448 15.10 -3.54 -11.59
CA GLY A 448 14.49 -2.30 -12.03
C GLY A 448 15.47 -1.48 -12.84
N THR A 449 15.09 -0.25 -13.11
CA THR A 449 15.82 0.71 -13.88
C THR A 449 15.88 2.06 -13.18
N THR A 450 17.07 2.46 -12.74
CA THR A 450 17.25 3.73 -12.06
C THR A 450 17.14 4.89 -13.08
N ILE A 451 17.16 6.11 -12.59
CA ILE A 451 17.05 7.28 -13.45
C ILE A 451 18.23 7.31 -14.37
N LEU A 452 19.43 7.08 -13.85
CA LEU A 452 20.64 7.07 -14.68
C LEU A 452 20.57 6.04 -15.82
N GLU A 453 20.21 4.82 -15.45
CA GLU A 453 20.01 3.78 -16.45
C GLU A 453 18.94 4.10 -17.48
N ALA A 454 17.87 4.74 -17.07
CA ALA A 454 16.83 5.17 -17.99
C ALA A 454 17.34 6.26 -18.97
N VAL A 455 18.15 7.20 -18.45
CA VAL A 455 18.78 8.18 -19.29
C VAL A 455 19.66 7.52 -20.35
N LYS A 456 20.50 6.60 -19.92
CA LYS A 456 21.39 5.97 -20.87
C LYS A 456 20.59 5.17 -21.91
N ALA A 457 19.42 4.65 -21.51
CA ALA A 457 18.57 3.87 -22.43
C ALA A 457 17.79 4.76 -23.40
N ALA A 458 17.64 6.06 -23.08
CA ALA A 458 16.84 6.98 -23.87
C ALA A 458 17.62 7.77 -24.88
N VAL A 459 18.87 8.15 -24.56
CA VAL A 459 19.56 9.13 -25.35
C VAL A 459 20.14 8.55 -26.66
N ASP A 460 20.39 9.46 -27.60
CA ASP A 460 21.03 9.10 -28.91
C ASP A 460 22.37 8.44 -28.60
N PRO A 461 22.85 7.56 -29.47
CA PRO A 461 24.14 6.90 -29.23
C PRO A 461 25.35 7.83 -29.18
N SER A 462 25.21 8.98 -29.82
CA SER A 462 26.23 9.99 -29.76
C SER A 462 26.29 10.79 -28.47
N THR A 463 25.29 10.69 -27.63
CA THR A 463 25.26 11.49 -26.42
C THR A 463 26.11 10.83 -25.34
N VAL A 464 27.10 11.52 -24.83
CA VAL A 464 27.95 11.04 -23.75
C VAL A 464 27.25 11.35 -22.46
N VAL A 465 27.03 10.34 -21.60
CA VAL A 465 26.32 10.50 -20.36
C VAL A 465 27.34 10.35 -19.23
N VAL A 466 27.53 11.40 -18.45
CA VAL A 466 28.42 11.40 -17.29
C VAL A 466 27.59 11.34 -16.03
N PHE A 467 27.90 10.44 -15.11
CA PHE A 467 27.26 10.38 -13.76
C PHE A 467 28.27 10.90 -12.71
N ALA A 468 27.81 11.73 -11.81
CA ALA A 468 28.59 12.17 -10.66
C ALA A 468 27.55 12.33 -9.56
N GLU A 469 27.71 11.61 -8.47
CA GLU A 469 26.68 11.64 -7.42
C GLU A 469 26.55 13.01 -6.77
N ASN A 470 27.69 13.61 -6.41
CA ASN A 470 27.68 14.88 -5.77
C ASN A 470 28.84 15.77 -6.29
N PRO A 471 28.77 16.20 -7.52
CA PRO A 471 29.85 16.99 -8.14
C PRO A 471 29.92 18.39 -7.54
N ASP A 472 31.12 18.94 -7.47
CA ASP A 472 31.24 20.37 -7.07
C ASP A 472 31.02 21.34 -8.26
N ALA A 473 30.97 22.63 -7.96
CA ALA A 473 30.56 23.60 -8.95
C ALA A 473 31.57 23.63 -10.10
N GLU A 474 32.86 23.46 -9.77
CA GLU A 474 33.92 23.50 -10.78
C GLU A 474 33.84 22.38 -11.75
N PHE A 475 33.57 21.19 -11.22
CA PHE A 475 33.42 20.03 -12.05
C PHE A 475 32.35 20.29 -13.08
N VAL A 476 31.20 20.85 -12.66
CA VAL A 476 30.12 21.12 -13.59
C VAL A 476 30.51 22.20 -14.63
N LYS A 477 31.12 23.26 -14.15
CA LYS A 477 31.50 24.41 -15.04
C LYS A 477 32.54 24.00 -16.09
N SER A 478 33.38 23.04 -15.71
CA SER A 478 34.40 22.59 -16.63
C SER A 478 34.04 21.43 -17.52
N GLY A 479 32.86 20.89 -17.36
CA GLY A 479 32.58 19.62 -17.98
C GLY A 479 32.06 19.61 -19.37
N GLY A 480 31.78 20.79 -19.94
CA GLY A 480 31.29 20.83 -21.25
C GLY A 480 29.91 20.20 -21.45
N PHE A 481 29.07 20.34 -20.43
CA PHE A 481 27.72 19.76 -20.46
C PHE A 481 26.69 20.59 -21.15
N SER A 482 25.79 19.97 -21.90
CA SER A 482 24.64 20.67 -22.47
C SER A 482 23.56 21.04 -21.49
N TYR A 483 23.33 20.15 -20.49
CA TYR A 483 22.32 20.31 -19.49
C TYR A 483 22.59 19.17 -18.46
N ALA A 484 21.93 19.27 -17.31
CA ALA A 484 22.01 18.27 -16.27
C ALA A 484 20.64 17.84 -15.84
N ILE A 485 20.56 16.57 -15.42
CA ILE A 485 19.41 16.01 -14.75
C ILE A 485 19.90 15.64 -13.34
N VAL A 486 19.34 16.25 -12.32
CA VAL A 486 19.79 16.08 -10.92
C VAL A 486 18.62 15.57 -10.07
N ALA A 487 18.84 14.45 -9.42
CA ALA A 487 17.77 13.80 -8.62
C ALA A 487 18.16 13.68 -7.16
N VAL A 488 17.27 14.15 -6.30
CA VAL A 488 17.45 14.26 -4.86
C VAL A 488 16.13 14.05 -4.16
N GLY A 489 16.21 13.88 -2.87
CA GLY A 489 14.96 13.78 -2.11
C GLY A 489 15.01 12.98 -0.81
N GLU A 490 13.84 12.42 -0.43
CA GLU A 490 13.72 11.71 0.81
C GLU A 490 14.31 10.32 0.74
N HIS A 491 14.76 9.86 1.93
CA HIS A 491 15.15 8.45 2.12
C HIS A 491 13.93 7.61 2.36
N PRO A 492 14.02 6.30 2.16
CA PRO A 492 12.80 5.49 2.39
C PRO A 492 12.38 5.42 3.86
N TYR A 493 11.10 5.32 4.12
CA TYR A 493 10.58 5.17 5.46
C TYR A 493 9.18 4.61 5.46
N THR A 494 8.72 4.19 6.64
CA THR A 494 7.25 3.99 6.85
C THR A 494 6.91 4.30 8.28
N GLU A 495 5.64 4.36 8.52
CA GLU A 495 5.06 4.38 9.83
C GLU A 495 5.73 5.45 10.60
N THR A 496 6.15 5.18 11.84
CA THR A 496 6.51 6.24 12.77
C THR A 496 7.89 6.78 12.50
N LYS A 497 8.83 5.98 11.99
CA LYS A 497 10.10 6.59 11.47
C LYS A 497 9.94 7.75 10.42
N GLY A 498 8.86 7.70 9.67
CA GLY A 498 8.63 8.75 8.68
C GLY A 498 7.87 9.96 9.18
N ASP A 499 7.35 9.89 10.39
CA ASP A 499 6.68 11.08 10.96
C ASP A 499 7.82 12.13 11.05
N ASN A 500 7.59 13.33 10.58
CA ASN A 500 8.65 14.29 10.39
C ASN A 500 8.01 15.69 10.48
N LEU A 501 8.42 16.42 11.51
CA LEU A 501 7.93 17.76 11.72
C LEU A 501 8.60 18.84 10.83
N ASN A 502 9.77 18.60 10.25
CA ASN A 502 10.46 19.66 9.51
C ASN A 502 10.35 19.56 7.98
N LEU A 503 10.23 18.33 7.48
CA LEU A 503 9.97 18.09 6.06
C LEU A 503 10.97 18.76 5.14
N THR A 504 12.23 18.73 5.53
CA THR A 504 13.33 19.24 4.70
C THR A 504 14.14 18.02 4.22
N ILE A 505 14.53 18.01 2.96
CA ILE A 505 15.23 16.81 2.50
C ILE A 505 16.65 16.71 3.08
N PRO A 506 17.18 15.47 3.20
CA PRO A 506 18.53 15.29 3.76
C PRO A 506 19.54 15.87 2.82
N GLU A 507 20.60 16.40 3.39
CA GLU A 507 21.80 16.75 2.63
C GLU A 507 22.74 15.56 2.42
N PRO A 508 23.53 15.60 1.32
CA PRO A 508 23.64 16.64 0.34
C PRO A 508 22.41 16.34 -0.63
N GLY A 509 21.71 17.37 -0.91
CA GLY A 509 20.58 17.33 -1.83
C GLY A 509 20.49 18.72 -2.45
N LEU A 510 20.04 19.68 -1.62
CA LEU A 510 20.02 21.07 -2.05
C LEU A 510 21.37 21.50 -2.48
N SER A 511 22.40 21.13 -1.75
CA SER A 511 23.77 21.65 -2.14
C SER A 511 24.23 21.12 -3.53
N THR A 512 23.89 19.88 -3.84
CA THR A 512 24.19 19.33 -5.20
C THR A 512 23.38 20.05 -6.27
N VAL A 513 22.08 20.28 -6.01
CA VAL A 513 21.26 21.03 -6.95
C VAL A 513 21.91 22.40 -7.18
N GLN A 514 22.28 23.09 -6.09
CA GLN A 514 22.89 24.44 -6.26
C GLN A 514 24.15 24.38 -7.08
N ALA A 515 25.01 23.41 -6.78
CA ALA A 515 26.26 23.29 -7.55
C ALA A 515 26.07 23.00 -8.99
N VAL A 516 25.17 22.06 -9.30
CA VAL A 516 24.90 21.72 -10.65
C VAL A 516 24.27 22.84 -11.45
N CYS A 517 23.14 23.33 -10.96
CA CYS A 517 22.33 24.31 -11.68
C CYS A 517 23.13 25.64 -11.81
N GLY A 518 24.02 25.90 -10.87
CA GLY A 518 24.88 27.10 -10.95
C GLY A 518 25.80 27.06 -12.15
N GLY A 519 26.10 25.88 -12.67
CA GLY A 519 27.01 25.69 -13.80
C GLY A 519 26.42 25.36 -15.18
N VAL A 520 25.21 24.80 -15.21
CA VAL A 520 24.55 24.36 -16.43
C VAL A 520 23.05 24.32 -16.19
N ARG A 521 22.25 24.54 -17.25
CA ARG A 521 20.83 24.48 -17.06
C ARG A 521 20.50 23.06 -16.57
N CYS A 522 19.48 22.99 -15.73
CA CYS A 522 19.21 21.75 -14.96
C CYS A 522 17.74 21.45 -14.78
N ALA A 523 17.43 20.18 -14.85
CA ALA A 523 16.08 19.66 -14.50
C ALA A 523 16.26 18.87 -13.21
N THR A 524 15.61 19.30 -12.15
CA THR A 524 15.67 18.68 -10.81
C THR A 524 14.46 17.73 -10.72
N VAL A 525 14.78 16.48 -10.36
CA VAL A 525 13.73 15.45 -10.14
C VAL A 525 13.76 15.22 -8.64
N LEU A 526 12.66 15.62 -7.97
CA LEU A 526 12.50 15.46 -6.55
C LEU A 526 11.76 14.16 -6.24
N ILE A 527 12.41 13.23 -5.53
CA ILE A 527 11.80 11.94 -5.09
C ILE A 527 11.36 12.13 -3.65
N SER A 528 10.08 11.98 -3.38
CA SER A 528 9.57 12.16 -2.03
C SER A 528 8.26 11.48 -1.88
N GLY A 529 7.87 11.20 -0.61
CA GLY A 529 6.58 10.59 -0.34
C GLY A 529 5.44 11.59 -0.13
N ARG A 530 5.74 12.86 -0.36
CA ARG A 530 4.93 13.98 0.14
C ARG A 530 5.60 15.30 -0.25
N PRO A 531 4.82 16.38 -0.20
CA PRO A 531 5.49 17.70 -0.30
C PRO A 531 6.49 17.89 0.80
N VAL A 532 7.61 18.54 0.45
CA VAL A 532 8.70 18.85 1.34
C VAL A 532 9.08 20.31 1.07
N VAL A 533 9.82 20.93 1.97
CA VAL A 533 10.26 22.31 1.75
C VAL A 533 10.94 22.40 0.36
N VAL A 534 10.40 23.21 -0.54
CA VAL A 534 10.87 23.22 -1.92
C VAL A 534 11.31 24.56 -2.49
N GLN A 535 11.07 25.68 -1.79
CA GLN A 535 11.51 26.98 -2.39
C GLN A 535 12.99 27.04 -2.75
N PRO A 536 13.91 26.57 -1.88
CA PRO A 536 15.31 26.67 -2.22
C PRO A 536 15.66 25.82 -3.48
N LEU A 537 15.08 24.62 -3.56
CA LEU A 537 15.28 23.84 -4.76
C LEU A 537 14.73 24.52 -6.01
N LEU A 538 13.50 25.05 -5.90
CA LEU A 538 12.92 25.81 -7.03
C LEU A 538 13.79 26.96 -7.46
N ALA A 539 14.31 27.73 -6.48
CA ALA A 539 15.06 28.94 -6.82
C ALA A 539 16.29 28.62 -7.65
N ALA A 540 16.94 27.50 -7.38
CA ALA A 540 18.11 27.10 -8.09
C ALA A 540 17.87 26.52 -9.49
N SER A 541 16.73 25.86 -9.65
CA SER A 541 16.47 25.03 -10.78
C SER A 541 15.80 25.75 -11.98
N ASP A 542 16.17 25.34 -13.19
CA ASP A 542 15.43 25.72 -14.37
C ASP A 542 14.11 25.03 -14.46
N ALA A 543 14.10 23.68 -14.29
CA ALA A 543 12.88 22.94 -14.24
C ALA A 543 12.91 22.04 -12.98
N LEU A 544 11.71 21.75 -12.47
CA LEU A 544 11.62 20.86 -11.32
C LEU A 544 10.37 20.04 -11.42
N VAL A 545 10.55 18.72 -11.17
CA VAL A 545 9.49 17.73 -11.25
C VAL A 545 9.33 17.08 -9.89
N ALA A 546 8.09 16.97 -9.42
CA ALA A 546 7.75 16.15 -8.22
C ALA A 546 7.44 14.75 -8.77
N ALA A 547 8.37 13.81 -8.57
CA ALA A 547 8.22 12.48 -9.11
C ALA A 547 7.73 11.47 -8.07
N TRP A 548 7.45 11.92 -6.85
CA TRP A 548 6.96 11.10 -5.73
C TRP A 548 7.89 9.89 -5.57
N LEU A 549 7.34 8.69 -5.41
CA LEU A 549 8.11 7.45 -5.24
C LEU A 549 7.75 6.53 -6.40
N PRO A 550 8.40 6.69 -7.54
CA PRO A 550 7.84 6.14 -8.79
C PRO A 550 8.01 4.65 -9.03
N GLY A 551 8.81 3.99 -8.21
CA GLY A 551 8.93 2.53 -8.22
C GLY A 551 10.08 2.04 -9.08
N SER A 552 9.94 0.82 -9.58
CA SER A 552 11.05 0.13 -10.22
C SER A 552 11.40 0.65 -11.63
N GLU A 553 10.40 1.25 -12.26
CA GLU A 553 10.49 1.58 -13.71
C GLU A 553 10.88 3.04 -13.95
N GLY A 554 12.19 3.33 -13.73
CA GLY A 554 12.71 4.68 -13.92
C GLY A 554 12.50 5.27 -15.30
N GLN A 555 12.28 4.47 -16.35
CA GLN A 555 12.03 4.99 -17.69
C GLN A 555 10.76 5.83 -17.72
N GLY A 556 9.87 5.66 -16.75
CA GLY A 556 8.72 6.55 -16.64
C GLY A 556 9.12 8.05 -16.51
N VAL A 557 10.18 8.29 -15.78
CA VAL A 557 10.69 9.61 -15.56
C VAL A 557 11.26 10.18 -16.86
N THR A 558 12.10 9.40 -17.54
CA THR A 558 12.77 9.88 -18.74
C THR A 558 11.78 9.98 -19.90
N ASP A 559 10.71 9.15 -19.88
CA ASP A 559 9.63 9.27 -20.92
C ASP A 559 9.08 10.71 -21.00
N ALA A 560 8.96 11.37 -19.86
CA ALA A 560 8.44 12.74 -19.82
C ALA A 560 9.60 13.76 -19.97
N LEU A 561 10.75 13.52 -19.35
CA LEU A 561 11.89 14.44 -19.46
C LEU A 561 12.35 14.67 -20.91
N PHE A 562 12.32 13.62 -21.72
CA PHE A 562 12.74 13.72 -23.13
C PHE A 562 11.63 13.86 -24.10
N GLY A 563 10.42 14.06 -23.62
CA GLY A 563 9.31 14.43 -24.49
C GLY A 563 8.60 13.30 -25.28
N ASP A 564 8.82 12.02 -24.96
CA ASP A 564 8.05 10.92 -25.56
C ASP A 564 6.57 11.14 -25.24
N PHE A 565 6.31 11.63 -24.04
CA PHE A 565 4.95 11.98 -23.60
C PHE A 565 5.03 13.35 -22.95
N GLY A 566 3.89 14.03 -22.92
CA GLY A 566 3.79 15.30 -22.20
C GLY A 566 3.55 15.08 -20.72
N PHE A 567 3.95 16.02 -19.89
CA PHE A 567 3.57 16.04 -18.43
C PHE A 567 2.11 16.29 -18.30
N THR A 568 1.41 15.46 -17.50
CA THR A 568 0.00 15.59 -17.28
C THR A 568 -0.40 15.51 -15.79
N GLY A 569 0.53 15.13 -14.88
CA GLY A 569 0.21 14.94 -13.47
C GLY A 569 -0.26 16.26 -12.83
N ARG A 570 -1.18 16.17 -11.88
CA ARG A 570 -1.63 17.31 -11.07
C ARG A 570 -1.51 17.04 -9.59
N LEU A 571 -1.07 18.02 -8.79
CA LEU A 571 -0.92 17.77 -7.37
C LEU A 571 -2.16 17.15 -6.75
N PRO A 572 -2.03 16.00 -6.06
CA PRO A 572 -3.13 15.42 -5.31
C PRO A 572 -3.18 15.91 -3.85
N ARG A 573 -2.32 16.84 -3.52
CA ARG A 573 -2.17 17.41 -2.18
C ARG A 573 -1.77 18.84 -2.35
N THR A 574 -2.02 19.62 -1.29
CA THR A 574 -1.55 20.97 -1.18
C THR A 574 -0.05 20.98 -0.98
N TRP A 575 0.66 21.85 -1.68
CA TRP A 575 2.04 22.13 -1.36
C TRP A 575 2.19 23.36 -0.49
N PHE A 576 2.63 23.13 0.74
CA PHE A 576 2.70 24.22 1.77
C PHE A 576 3.88 25.14 1.50
N LYS A 577 3.79 26.41 1.98
CA LYS A 577 4.90 27.32 1.94
C LYS A 577 5.83 27.00 3.09
N SER A 578 5.27 26.60 4.24
CA SER A 578 6.04 26.41 5.47
C SER A 578 5.34 25.33 6.31
N VAL A 579 6.08 24.59 7.11
CA VAL A 579 5.43 23.53 7.93
C VAL A 579 4.66 24.16 9.10
N ASP A 580 4.97 25.44 9.39
CA ASP A 580 4.15 26.12 10.47
C ASP A 580 2.74 26.37 10.04
N GLN A 581 2.45 26.24 8.76
CA GLN A 581 1.10 26.33 8.35
C GLN A 581 0.25 25.09 8.62
N LEU A 582 0.90 23.95 8.83
CA LEU A 582 0.14 22.69 8.84
C LEU A 582 -0.67 22.51 10.13
N PRO A 583 -1.78 21.78 10.04
CA PRO A 583 -2.33 21.26 8.80
C PRO A 583 -2.99 22.31 7.92
N MET A 584 -2.91 22.16 6.61
CA MET A 584 -3.55 23.08 5.67
C MET A 584 -4.01 22.37 4.41
N ASN A 585 -5.32 22.29 4.20
CA ASN A 585 -5.91 21.50 3.10
C ASN A 585 -6.85 22.35 2.27
N VAL A 586 -6.99 21.98 0.99
CA VAL A 586 -7.92 22.69 0.08
C VAL A 586 -9.26 22.78 0.71
N GLY A 587 -9.86 23.95 0.60
CA GLY A 587 -11.12 24.21 1.25
C GLY A 587 -11.01 24.83 2.62
N ASP A 588 -9.82 24.90 3.22
CA ASP A 588 -9.73 25.51 4.57
C ASP A 588 -9.99 26.93 4.43
N ALA A 589 -10.42 27.54 5.52
CA ALA A 589 -10.66 28.97 5.47
C ALA A 589 -9.36 29.72 5.21
N HIS A 590 -8.25 29.35 5.84
CA HIS A 590 -7.01 30.18 5.69
C HIS A 590 -5.90 29.61 4.72
N TYR A 591 -6.33 29.37 3.49
CA TYR A 591 -5.59 28.55 2.52
C TYR A 591 -4.61 29.40 1.75
N ASP A 592 -3.30 29.22 2.04
CA ASP A 592 -2.22 29.98 1.44
C ASP A 592 -1.08 29.04 0.97
N PRO A 593 -1.38 28.30 -0.05
CA PRO A 593 -0.42 27.29 -0.54
C PRO A 593 0.68 27.88 -1.38
N LEU A 594 1.83 27.20 -1.41
CA LEU A 594 2.81 27.48 -2.42
C LEU A 594 2.26 27.05 -3.80
N PHE A 595 1.73 25.84 -3.87
CA PHE A 595 1.01 25.33 -5.02
C PHE A 595 -0.28 24.66 -4.55
N ARG A 596 -1.42 25.04 -5.11
CA ARG A 596 -2.68 24.49 -4.66
C ARG A 596 -2.85 23.03 -5.15
N LEU A 597 -3.74 22.32 -4.51
CA LEU A 597 -4.17 21.01 -5.00
C LEU A 597 -4.68 21.17 -6.41
N GLY A 598 -4.29 20.29 -7.36
CA GLY A 598 -4.61 20.43 -8.74
C GLY A 598 -3.62 21.12 -9.65
N TYR A 599 -2.62 21.78 -9.08
CA TYR A 599 -1.61 22.49 -9.86
C TYR A 599 -0.74 21.49 -10.64
N GLY A 600 -0.45 21.80 -11.88
CA GLY A 600 0.62 21.06 -12.60
C GLY A 600 0.81 21.65 -13.96
N LEU A 601 2.05 21.97 -14.30
CA LEU A 601 2.35 22.53 -15.62
C LEU A 601 2.36 21.36 -16.59
N THR A 602 2.15 21.68 -17.85
CA THR A 602 2.08 20.66 -18.90
C THR A 602 3.18 20.90 -19.95
N THR A 603 3.45 19.86 -20.70
CA THR A 603 4.29 19.92 -21.89
C THR A 603 3.54 19.11 -22.91
N ASN A 604 3.97 19.31 -24.14
CA ASN A 604 3.53 18.48 -25.25
C ASN A 604 4.64 17.51 -25.70
N ALA A 605 4.22 16.35 -26.18
CA ALA A 605 5.17 15.33 -26.68
C ALA A 605 5.94 15.91 -27.90
N THR A 606 7.27 15.64 -27.99
CA THR A 606 8.06 15.65 -29.27
C THR A 606 7.75 14.47 -30.14
C1 GS1 B . 11.72 -3.70 11.28
S1 GS1 B . 13.08 -4.04 12.46
C2 GS1 B . 10.49 -4.55 11.66
O2 GS1 B . 10.85 -5.89 11.40
C3 GS1 B . 9.35 -4.31 10.68
O3 GS1 B . 8.20 -5.13 11.03
C4 GS1 B . 9.05 -2.83 10.82
O4 GS1 B . 8.05 -2.30 9.90
C5 GS1 B . 10.27 -2.02 10.43
O5 GS1 B . 11.39 -2.30 11.28
C6 GS1 B . 9.80 -0.59 10.53
O6 GS1 B . 10.11 -0.11 11.83
C1 SGC B . 6.72 -2.32 10.41
C2 SGC B . 5.95 -1.26 9.65
O2 SGC B . 6.44 0.04 9.92
C3 SGC B . 4.51 -1.33 10.17
O3 SGC B . 3.80 -0.30 9.43
C4 SGC B . 3.92 -2.80 10.16
C5 SGC B . 4.92 -3.87 10.68
O5 SGC B . 6.21 -3.63 10.15
C6 SGC B . 4.76 -5.35 10.31
O6 SGC B . 4.58 -5.51 8.84
S4 SGC B . 2.52 -2.61 11.35
C2 BGC B . 0.64 -2.03 9.30
C3 BGC B . -0.36 -2.49 8.22
C4 BGC B . 0.20 -3.87 7.64
C5 BGC B . 0.27 -4.95 8.79
C6 BGC B . 0.92 -6.28 8.35
C1 BGC B . 1.12 -3.22 10.28
O2 BGC B . 0.12 -0.84 9.96
O3 BGC B . -0.67 -1.45 7.14
O4 BGC B . -0.83 -4.24 6.86
O5 BGC B . 1.29 -4.46 9.58
O6 BGC B . 2.26 -5.92 7.91
C1 NAG C . -0.26 10.53 20.94
C2 NAG C . -0.73 9.42 21.89
C3 NAG C . -0.29 9.68 23.34
C4 NAG C . 1.22 10.05 23.40
C5 NAG C . 1.46 11.17 22.35
C6 NAG C . 2.87 11.78 22.25
C7 NAG C . -2.82 8.24 21.29
C8 NAG C . -4.30 8.29 21.44
N2 NAG C . -2.16 9.24 21.89
O3 NAG C . -0.65 8.49 24.03
O4 NAG C . 1.67 10.36 24.71
O5 NAG C . 1.15 10.59 21.08
O6 NAG C . 3.72 10.76 21.80
O7 NAG C . -2.33 7.33 20.63
C1 NAG D . 1.07 22.45 -26.61
C2 NAG D . 1.59 23.84 -27.01
C3 NAG D . 0.46 24.87 -26.81
C4 NAG D . -0.85 24.35 -27.41
C5 NAG D . -1.17 22.99 -26.80
C6 NAG D . -2.53 22.43 -27.18
C7 NAG D . 4.14 23.88 -27.12
C8 NAG D . 5.50 24.23 -26.58
N2 NAG D . 2.96 24.21 -26.47
O3 NAG D . 0.89 26.00 -27.54
O4 NAG D . -1.94 25.23 -27.25
O5 NAG D . -0.15 22.12 -27.23
O6 NAG D . -2.53 22.23 -28.56
O7 NAG D . 4.19 23.27 -28.18
C1 NAG E . 13.62 16.33 10.34
C2 NAG E . 15.10 16.45 10.77
C3 NAG E . 15.82 15.10 10.78
C4 NAG E . 14.94 14.05 11.49
C5 NAG E . 13.57 14.01 10.77
C6 NAG E . 12.60 12.86 11.10
C7 NAG E . 16.16 18.64 10.48
C8 NAG E . 16.80 19.65 9.54
N2 NAG E . 15.76 17.46 9.96
O3 NAG E . 17.10 15.32 11.35
O4 NAG E . 15.49 12.75 11.48
O5 NAG E . 12.97 15.26 11.02
O6 NAG E . 11.94 13.09 12.33
O7 NAG E . 16.02 18.87 11.68
C1 GOL F . 13.43 -3.47 -15.17
O1 GOL F . 13.22 -2.08 -15.33
C2 GOL F . 13.98 -4.15 -16.33
O2 GOL F . 13.77 -3.23 -17.39
C3 GOL F . 13.41 -5.54 -16.65
O3 GOL F . 12.97 -5.71 -18.02
C1 GOL G . -9.82 15.88 -10.17
O1 GOL G . -9.51 16.14 -8.80
C2 GOL G . -9.21 17.12 -10.83
O2 GOL G . -10.00 17.36 -12.00
C3 GOL G . -9.15 18.30 -9.82
O3 GOL G . -7.94 18.42 -8.98
C1 GOL H . -0.66 8.62 -23.27
O1 GOL H . -0.72 8.93 -24.70
C2 GOL H . -1.45 7.36 -22.96
O2 GOL H . -2.64 7.73 -22.23
C3 GOL H . -0.77 6.31 -22.12
O3 GOL H . 0.08 5.37 -22.80
C1 GOL I . -18.29 -30.96 17.50
O1 GOL I . -18.35 -30.08 18.66
C2 GOL I . -19.75 -31.26 17.17
O2 GOL I . -19.80 -32.14 16.08
C3 GOL I . -20.50 -30.01 16.73
O3 GOL I . -20.05 -29.01 17.63
C1 GOL J . 0.61 -28.83 -4.11
O1 GOL J . -0.35 -28.99 -5.15
C2 GOL J . 0.35 -29.87 -3.05
O2 GOL J . 1.47 -29.82 -2.14
C3 GOL J . 0.23 -31.24 -3.68
O3 GOL J . -1.04 -31.75 -3.22
C1 GOL K . 18.82 22.10 -24.21
O1 GOL K . 19.99 21.33 -24.48
C2 GOL K . 19.07 22.88 -22.92
O2 GOL K . 18.32 24.08 -22.96
C3 GOL K . 20.45 23.38 -22.63
O3 GOL K . 20.33 24.42 -21.61
S SO4 L . 3.19 2.58 25.44
O1 SO4 L . 3.22 1.15 25.02
O2 SO4 L . 3.97 2.73 26.70
O3 SO4 L . 1.80 3.08 25.57
O4 SO4 L . 3.92 3.38 24.40
S SO4 M . -24.41 -17.40 23.77
O1 SO4 M . -25.02 -18.71 23.42
O2 SO4 M . -23.12 -17.70 24.48
O3 SO4 M . -25.33 -16.58 24.63
O4 SO4 M . -24.45 -16.72 22.38
OH2 1PE N . -2.57 -7.71 -15.90
OH2 1PE N . -0.31 -7.06 -18.26
C12 1PE N . -1.65 -7.73 -17.03
C12 1PE N . -1.31 -7.62 -17.39
C22 1PE N . -1.53 -9.06 -17.80
OH3 1PE N . -0.74 -10.01 -17.04
C23 1PE N . 0.20 -10.95 -17.43
OH2 1PE O . 12.85 13.61 4.60
C12 1PE O . 12.11 12.48 5.18
C22 1PE O . 12.51 12.00 6.60
OH3 1PE O . 11.61 11.04 7.29
C13 1PE O . 13.71 9.69 6.57
C23 1PE O . 12.46 9.84 7.51
OH4 1PE O . 14.44 8.44 6.68
OH2 1PE P . -14.85 -9.18 31.95
C12 1PE P . -13.44 -8.99 32.36
C22 1PE P . -12.65 -10.29 32.43
OH3 1PE P . -13.25 -11.19 33.37
C23 1PE P . -12.68 -12.53 33.45
OH6 1PE Q . -27.49 -5.91 9.74
C16 1PE Q . -29.05 -6.85 8.08
C26 1PE Q . -28.27 -7.05 9.38
OH7 1PE Q . -28.32 -7.48 7.03
OH2 1PE R . -25.90 -11.61 4.49
C12 1PE R . -26.07 -13.02 4.67
C22 1PE R . -26.88 -13.56 3.51
OH3 1PE R . -26.31 -13.13 2.27
C23 1PE R . -26.87 -13.80 1.09
C ACT S . 18.11 7.59 6.83
O ACT S . 17.71 6.47 6.47
OXT ACT S . 17.25 8.49 7.03
CH3 ACT S . 19.60 7.77 6.95
C ACT T . -0.85 28.39 -6.68
O ACT T . -1.26 27.28 -7.08
OXT ACT T . 0.26 28.88 -7.11
CH3 ACT T . -1.69 29.18 -5.69
C ACT U . 0.49 16.18 -26.22
O ACT U . 0.13 15.85 -27.34
OXT ACT U . 1.55 15.71 -25.76
CH3 ACT U . -0.44 17.14 -25.49
C ACT V . 24.02 -1.73 -3.57
O ACT V . 24.29 -2.91 -3.35
OXT ACT V . 23.53 -1.44 -4.68
CH3 ACT V . 24.27 -0.67 -2.46
#